data_7U8J
#
_entry.id   7U8J
#
_cell.length_a   158.124
_cell.length_b   158.124
_cell.length_c   127.010
_cell.angle_alpha   90.000
_cell.angle_beta   90.000
_cell.angle_gamma   120.000
#
_symmetry.space_group_name_H-M   'P 3 2 1'
#
loop_
_entity.id
_entity.type
_entity.pdbx_description
1 polymer 'Hemagglutinin HA1 subunit'
2 polymer 'Hemagglutinin HA2 subunit'
3 polymer 'Antibody Fab light chain'
4 polymer 'antibody Fab heavy chain'
#
loop_
_entity_poly.entity_id
_entity_poly.type
_entity_poly.pdbx_seq_one_letter_code
_entity_poly.pdbx_strand_id
1 'polypeptide(L)'
;DPGATLCLGHHAVPNGTIVKTITNDRIEVTNATELVQNSSIGEICPSPLRLVDGQTCDIINGALGSPGCDHLNGAEWDVF
IERPNAVDTCYPFDVPEYQSLRSILANNGKFEFIAEEFQWNTVKQNGKSGACKRANVDDFFNRLNWLVKSDGNAYPLQNL
TKINNGDYARLYIWGVHHPSTSTEQTNLYKNNPGGVTVSTKTSQTSVVPDIGSRPLVREQSGRVSFYWTIVEPGDLIVFN
TIGNLIAPRGHYKLNNQKKSTILNTAIPIGSCKSECITPNGSIPNDKPFQNVNRITYGACPRYVKHSTLKLATGMRNVPE
KQTR
;
A
2 'polypeptide(L)'
;GIFGAIAGFIENGWEGMVDGWYGFRHQNSEGRGQAADLKSTQAAIDQINGKLNRLIGKTNEKFHQIEKEFSEVEGRIQDL
EKYVEDTKIDLWSYNAELLVALENQHTIDLTDSEMNKLFEKTKKQLRENAEDMGNGCFKIYHKCDNACIGSIRNGTYDHN
VYRDEALNNRFQIKGVSGR
;
B
3 'polypeptide(L)'
;EIVMTQSPVTLSVSPGETATLSCRASQSVRSNLAWYQQKPGQAPRLLIYGASTRATDIPARFSGSGSGTEFTLSISSLQS
DDFAVYYCQQYNHWLRTFGQGTKLEIKRTVAAPSVFIFPPSDEQLKSGTASVVCLLNNFYPREAKVQWKVDNALQSGNSQ
ESVTEQDSKDSTYSLSSTLTLSKADYEKHKVYACEVTHQGLSSPVTKSFNRGEC
;
L
4 'polypeptide(L)'
;EVQLLESGGGLVQPGESLRVSCAASGFTFRDSALSWVRQAPGKGLEWVSAISGNGGATYYADTVKGRFTISRDNSQTTLY
LQMNSLRADDTATYYCAKDESPPIYNLMPGYYSTYYYMDVWGKGTTVTVSSASTKGPSVFPLAPSSKSTSGGTAALGCLV
KDYFPEPVTVSWNSGALTSGVHTFPAVLQSSGLYSLSSVVTVPSSSLGTQTYICNVNHKPSNTKVDKRVEPKSC
;
H
#
# COMPACT_ATOMS: atom_id res chain seq x y z
N ALA A 4 -5.74 43.65 38.35
CA ALA A 4 -4.86 42.62 37.80
C ALA A 4 -4.50 42.98 36.39
N THR A 5 -3.52 42.29 35.83
CA THR A 5 -3.11 42.52 34.46
C THR A 5 -3.14 41.21 33.68
N LEU A 6 -3.71 41.23 32.48
CA LEU A 6 -3.71 40.06 31.62
C LEU A 6 -3.16 40.43 30.25
N CYS A 7 -2.05 39.80 29.88
CA CYS A 7 -1.38 40.13 28.63
C CYS A 7 -1.53 39.01 27.61
N LEU A 8 -1.83 39.39 26.37
CA LEU A 8 -1.92 38.43 25.27
C LEU A 8 -0.60 38.44 24.52
N GLY A 9 -0.18 37.29 24.01
CA GLY A 9 1.11 37.24 23.34
C GLY A 9 1.28 36.04 22.43
N HIS A 10 2.46 35.94 21.84
CA HIS A 10 2.75 34.84 20.95
C HIS A 10 4.18 34.41 21.21
N HIS A 11 4.56 33.23 20.72
CA HIS A 11 5.89 32.73 20.97
C HIS A 11 6.94 33.36 20.05
N ALA A 12 8.21 33.11 20.36
CA ALA A 12 9.31 33.50 19.51
C ALA A 12 10.42 32.47 19.71
N VAL A 13 11.39 32.43 18.79
CA VAL A 13 12.51 31.51 18.92
C VAL A 13 13.82 32.28 18.77
N PRO A 14 14.91 31.75 19.32
CA PRO A 14 16.24 32.36 19.13
C PRO A 14 16.81 32.08 17.74
N ASN A 15 16.45 30.93 17.15
CA ASN A 15 16.98 30.58 15.83
C ASN A 15 15.96 30.71 14.69
N GLY A 16 15.69 31.95 14.28
CA GLY A 16 14.72 32.20 13.22
C GLY A 16 15.25 31.93 11.83
N THR A 17 14.35 31.89 10.84
CA THR A 17 14.72 31.60 9.46
C THR A 17 14.21 32.71 8.55
N ILE A 18 15.03 33.13 7.59
CA ILE A 18 14.67 34.22 6.68
C ILE A 18 13.88 33.67 5.50
N VAL A 19 12.73 34.26 5.20
CA VAL A 19 11.96 33.88 4.01
C VAL A 19 11.62 35.10 3.16
N LYS A 20 11.19 34.86 1.92
CA LYS A 20 10.75 35.91 1.02
C LYS A 20 9.23 36.02 1.02
N THR A 21 8.71 37.24 0.92
CA THR A 21 7.27 37.45 0.77
C THR A 21 7.01 38.37 -0.41
N ILE A 22 5.75 38.68 -0.65
CA ILE A 22 5.35 39.60 -1.72
C ILE A 22 5.93 41.01 -1.53
N THR A 23 5.98 41.46 -0.28
CA THR A 23 6.37 42.83 0.01
C THR A 23 7.77 42.98 0.61
N ASN A 24 8.43 41.86 0.88
CA ASN A 24 9.70 41.92 1.57
C ASN A 24 10.64 40.76 1.20
N ASP A 25 11.85 41.12 0.79
CA ASP A 25 12.85 40.17 0.33
C ASP A 25 13.37 39.30 1.48
N ARG A 26 13.36 39.86 2.68
CA ARG A 26 14.00 39.22 3.83
C ARG A 26 13.19 39.43 5.10
N ILE A 27 12.40 38.45 5.48
CA ILE A 27 11.64 38.54 6.73
C ILE A 27 11.81 37.26 7.53
N GLU A 28 12.03 37.41 8.84
CA GLU A 28 12.32 36.27 9.71
C GLU A 28 11.05 35.62 10.27
N VAL A 29 10.91 34.32 10.09
CA VAL A 29 9.79 33.59 10.68
C VAL A 29 10.33 32.57 11.67
N THR A 30 9.47 32.00 12.51
CA THR A 30 9.90 31.07 13.54
C THR A 30 10.41 29.74 12.97
N ASN A 31 9.92 29.37 11.79
CA ASN A 31 10.23 28.07 11.21
C ASN A 31 9.90 28.10 9.72
N ALA A 32 10.64 27.34 8.93
CA ALA A 32 10.38 27.23 7.51
C ALA A 32 10.80 25.85 7.02
N THR A 33 10.33 25.46 5.84
CA THR A 33 10.78 24.22 5.23
C THR A 33 11.26 24.45 3.80
N GLU A 34 12.23 23.65 3.38
CA GLU A 34 12.83 23.80 2.04
C GLU A 34 11.95 23.13 0.98
N LEU A 35 11.70 23.82 -0.12
CA LEU A 35 10.86 23.27 -1.18
C LEU A 35 11.65 22.76 -2.38
N VAL A 36 12.95 23.04 -2.42
CA VAL A 36 13.78 22.58 -3.53
C VAL A 36 14.73 21.46 -3.10
N GLN A 37 14.57 20.27 -3.69
CA GLN A 37 15.51 19.17 -3.46
C GLN A 37 16.80 19.46 -4.23
N ASN A 38 17.92 19.51 -3.52
CA ASN A 38 19.17 19.92 -4.16
C ASN A 38 20.25 18.84 -4.18
N SER A 39 19.96 17.66 -3.62
CA SER A 39 20.96 16.61 -3.53
C SER A 39 20.45 15.24 -3.94
N SER A 40 21.38 14.40 -4.40
CA SER A 40 21.11 12.99 -4.67
C SER A 40 22.07 12.16 -3.84
N ILE A 41 21.69 10.92 -3.54
CA ILE A 41 22.58 10.01 -2.81
C ILE A 41 23.63 9.37 -3.73
N GLY A 42 23.54 9.67 -5.02
CA GLY A 42 24.58 9.29 -5.96
C GLY A 42 24.38 7.93 -6.60
N GLU A 43 23.34 7.22 -6.16
CA GLU A 43 23.02 5.90 -6.70
C GLU A 43 21.66 5.91 -7.38
N ILE A 44 21.54 5.15 -8.47
CA ILE A 44 20.24 4.85 -9.05
C ILE A 44 19.66 3.62 -8.37
N CYS A 45 18.61 3.81 -7.57
CA CYS A 45 17.98 2.68 -6.87
C CYS A 45 17.34 1.71 -7.87
N ARG A 50 13.35 -0.66 -12.21
CA ARG A 50 14.08 -1.89 -12.43
C ARG A 50 15.39 -1.60 -13.15
N LEU A 51 16.51 -1.77 -12.45
CA LEU A 51 17.82 -1.54 -13.06
C LEU A 51 18.50 -2.84 -13.46
N VAL A 52 19.16 -2.82 -14.61
CA VAL A 52 19.97 -3.96 -15.04
C VAL A 52 21.40 -3.48 -15.30
N ASP A 53 22.33 -4.01 -14.50
CA ASP A 53 23.74 -3.67 -14.62
C ASP A 53 24.41 -4.49 -15.73
N GLY A 54 24.89 -3.80 -16.74
CA GLY A 54 25.59 -4.45 -17.84
C GLY A 54 26.98 -4.92 -17.47
N GLN A 55 27.55 -4.37 -16.39
CA GLN A 55 28.89 -4.74 -15.90
C GLN A 55 29.84 -4.54 -17.08
N THR A 56 30.54 -5.58 -17.51
CA THR A 56 31.56 -5.43 -18.55
C THR A 56 30.99 -5.43 -19.98
N CYS A 57 29.68 -5.62 -20.12
CA CYS A 57 29.08 -5.59 -21.45
C CYS A 57 28.26 -4.32 -21.65
N ASP A 58 28.56 -3.56 -22.69
CA ASP A 58 27.69 -2.46 -23.06
C ASP A 58 26.48 -3.09 -23.75
N ILE A 59 25.46 -2.29 -24.04
CA ILE A 59 24.19 -2.86 -24.45
C ILE A 59 24.32 -3.49 -25.83
N ILE A 60 25.24 -2.99 -26.65
CA ILE A 60 25.45 -3.58 -27.96
C ILE A 60 26.12 -4.94 -27.91
N ASN A 61 27.14 -5.16 -27.09
CA ASN A 61 27.68 -6.53 -27.16
C ASN A 61 26.71 -7.45 -26.42
N GLY A 62 25.94 -6.88 -25.49
CA GLY A 62 24.90 -7.62 -24.80
C GLY A 62 23.93 -8.24 -25.80
N ALA A 63 23.51 -7.43 -26.77
CA ALA A 63 22.55 -7.87 -27.77
C ALA A 63 23.16 -8.88 -28.75
N LEU A 64 24.43 -8.71 -29.07
CA LEU A 64 25.11 -9.61 -29.99
C LEU A 64 25.45 -10.94 -29.31
N GLY A 65 25.55 -10.90 -27.98
CA GLY A 65 25.92 -12.07 -27.21
C GLY A 65 27.41 -12.34 -27.20
N SER A 66 28.23 -11.31 -26.99
CA SER A 66 29.66 -11.47 -26.84
C SER A 66 29.99 -12.23 -25.56
N PRO A 67 31.19 -12.87 -25.52
CA PRO A 67 31.73 -13.47 -24.29
C PRO A 67 31.65 -12.54 -23.10
N GLY A 68 31.08 -13.03 -22.01
CA GLY A 68 30.96 -12.24 -20.80
C GLY A 68 29.59 -11.61 -20.63
N CYS A 69 28.73 -11.76 -21.62
CA CYS A 69 27.44 -11.07 -21.61
C CYS A 69 26.25 -11.98 -21.28
N ASP A 70 26.52 -13.26 -21.05
CA ASP A 70 25.46 -14.25 -20.83
C ASP A 70 24.54 -13.88 -19.67
N HIS A 71 25.05 -13.12 -18.71
CA HIS A 71 24.25 -12.69 -17.57
C HIS A 71 23.11 -11.74 -18.01
N LEU A 72 23.19 -11.23 -19.24
CA LEU A 72 22.16 -10.33 -19.74
C LEU A 72 21.02 -11.07 -20.45
N ASN A 73 21.17 -12.38 -20.64
CA ASN A 73 20.13 -13.19 -21.27
C ASN A 73 18.82 -13.08 -20.49
N GLY A 74 17.75 -12.72 -21.19
CA GLY A 74 16.43 -12.64 -20.59
C GLY A 74 16.14 -11.40 -19.78
N ALA A 75 17.12 -10.51 -19.66
CA ALA A 75 17.01 -9.31 -18.83
C ALA A 75 15.86 -8.38 -19.27
N GLU A 76 15.23 -7.75 -18.27
CA GLU A 76 14.20 -6.73 -18.47
C GLU A 76 14.51 -5.53 -17.62
N TRP A 77 14.38 -4.33 -18.17
CA TRP A 77 14.80 -3.13 -17.43
C TRP A 77 13.93 -1.91 -17.72
N ASP A 78 13.79 -1.05 -16.71
CA ASP A 78 13.35 0.32 -16.91
C ASP A 78 14.55 1.13 -17.37
N VAL A 79 15.69 0.90 -16.71
CA VAL A 79 16.93 1.61 -17.02
C VAL A 79 18.11 0.64 -17.11
N PHE A 80 18.69 0.53 -18.29
CA PHE A 80 19.91 -0.25 -18.47
C PHE A 80 21.10 0.58 -17.98
N ILE A 81 21.86 0.03 -17.04
CA ILE A 81 23.04 0.72 -16.53
C ILE A 81 24.29 0.25 -17.29
N GLU A 82 24.83 1.13 -18.11
CA GLU A 82 25.94 0.80 -18.98
C GLU A 82 27.23 1.38 -18.40
N ARG A 83 28.30 0.58 -18.35
CA ARG A 83 29.52 1.00 -17.66
C ARG A 83 30.58 1.53 -18.61
N PRO A 84 31.20 2.67 -18.24
CA PRO A 84 32.33 3.26 -18.98
C PRO A 84 33.51 2.31 -19.18
N ASN A 85 33.74 1.39 -18.25
CA ASN A 85 34.88 0.49 -18.39
C ASN A 85 34.53 -0.82 -19.10
N ALA A 86 33.36 -0.85 -19.75
CA ALA A 86 32.98 -1.98 -20.58
C ALA A 86 34.00 -2.16 -21.70
N VAL A 87 34.30 -3.42 -22.03
CA VAL A 87 35.31 -3.70 -23.04
C VAL A 87 34.86 -4.75 -24.04
N ASP A 88 35.42 -4.67 -25.25
CA ASP A 88 35.13 -5.63 -26.28
C ASP A 88 35.88 -6.93 -26.05
N THR A 89 35.18 -8.04 -26.23
CA THR A 89 35.72 -9.37 -25.95
C THR A 89 35.52 -10.30 -27.14
N CYS A 90 35.32 -9.74 -28.32
CA CYS A 90 34.96 -10.55 -29.48
C CYS A 90 35.56 -10.02 -30.79
N TYR A 91 35.10 -10.56 -31.91
CA TYR A 91 35.61 -10.14 -33.22
C TYR A 91 35.36 -8.64 -33.42
N PRO A 92 36.37 -7.90 -33.90
CA PRO A 92 36.24 -6.45 -34.05
C PRO A 92 35.08 -6.09 -34.98
N PHE A 93 34.21 -5.18 -34.54
CA PHE A 93 33.04 -4.82 -35.31
C PHE A 93 32.75 -3.32 -35.26
N ASP A 94 31.89 -2.86 -36.16
CA ASP A 94 31.31 -1.54 -36.02
C ASP A 94 29.83 -1.63 -36.37
N VAL A 95 29.10 -0.57 -36.07
CA VAL A 95 27.68 -0.47 -36.40
C VAL A 95 27.44 0.88 -37.07
N PRO A 96 27.30 0.88 -38.41
CA PRO A 96 27.05 2.09 -39.20
C PRO A 96 26.09 3.10 -38.56
N GLU A 97 24.98 2.65 -37.99
CA GLU A 97 24.12 3.59 -37.26
C GLU A 97 24.13 3.25 -35.78
N TYR A 98 25.33 3.22 -35.20
CA TYR A 98 25.55 2.70 -33.85
C TYR A 98 24.55 3.27 -32.85
N GLN A 99 24.50 4.60 -32.74
CA GLN A 99 23.65 5.22 -31.73
C GLN A 99 22.17 4.87 -31.93
N SER A 100 21.73 4.68 -33.17
CA SER A 100 20.33 4.33 -33.41
C SER A 100 19.99 2.90 -32.96
N LEU A 101 20.90 1.96 -33.19
CA LEU A 101 20.69 0.59 -32.73
C LEU A 101 20.71 0.55 -31.21
N ARG A 102 21.65 1.28 -30.61
CA ARG A 102 21.75 1.38 -29.16
C ARG A 102 20.48 1.98 -28.55
N SER A 103 19.92 2.98 -29.21
CA SER A 103 18.66 3.59 -28.78
C SER A 103 17.51 2.58 -28.78
N ILE A 104 17.38 1.85 -29.87
CA ILE A 104 16.29 0.90 -30.05
C ILE A 104 16.33 -0.20 -28.99
N LEU A 105 17.52 -0.76 -28.76
CA LEU A 105 17.69 -1.79 -27.73
C LEU A 105 17.38 -1.25 -26.34
N ALA A 106 17.87 -0.06 -26.04
CA ALA A 106 17.69 0.52 -24.72
C ALA A 106 16.25 0.88 -24.45
N ASN A 107 15.62 1.46 -25.46
CA ASN A 107 14.26 1.94 -25.36
C ASN A 107 13.27 0.77 -25.24
N ASN A 108 13.52 -0.28 -26.01
CA ASN A 108 12.71 -1.49 -26.01
C ASN A 108 12.61 -2.13 -24.63
N GLY A 109 13.73 -2.18 -23.91
CA GLY A 109 13.71 -2.55 -22.50
C GLY A 109 13.77 -4.02 -22.12
N LYS A 110 14.15 -4.89 -23.05
CA LYS A 110 14.32 -6.31 -22.72
C LYS A 110 15.16 -7.05 -23.75
N PHE A 111 15.79 -8.12 -23.30
CA PHE A 111 16.50 -9.05 -24.18
C PHE A 111 15.77 -10.39 -24.19
N GLU A 112 14.67 -10.47 -24.94
CA GLU A 112 13.96 -11.73 -25.12
C GLU A 112 14.27 -12.31 -26.51
N PHE A 113 15.20 -13.25 -26.56
CA PHE A 113 15.64 -13.80 -27.84
C PHE A 113 14.88 -15.07 -28.20
N ILE A 114 14.39 -15.13 -29.43
CA ILE A 114 13.66 -16.29 -29.93
C ILE A 114 14.49 -16.97 -31.02
N ALA A 115 15.08 -18.12 -30.68
CA ALA A 115 15.86 -18.89 -31.63
C ALA A 115 14.99 -19.35 -32.80
N GLU A 116 15.58 -19.36 -34.00
CA GLU A 116 14.91 -19.89 -35.17
C GLU A 116 15.88 -20.76 -35.97
N GLU A 117 15.35 -21.77 -36.63
CA GLU A 117 16.17 -22.63 -37.48
C GLU A 117 16.19 -22.06 -38.89
N PHE A 118 17.38 -21.68 -39.33
CA PHE A 118 17.58 -21.22 -40.69
C PHE A 118 18.18 -22.36 -41.53
N GLN A 119 17.43 -22.83 -42.52
CA GLN A 119 17.91 -23.92 -43.37
C GLN A 119 18.90 -23.42 -44.42
N TRP A 120 20.10 -23.05 -43.99
CA TRP A 120 21.16 -22.61 -44.90
C TRP A 120 21.59 -23.80 -45.75
N ASN A 121 22.00 -23.53 -46.99
CA ASN A 121 22.29 -24.60 -47.93
C ASN A 121 23.79 -24.77 -48.18
N THR A 122 24.25 -26.02 -48.07
CA THR A 122 25.61 -26.40 -48.46
C THR A 122 26.71 -25.80 -47.58
N VAL A 123 26.58 -24.50 -47.28
CA VAL A 123 27.57 -23.77 -46.51
C VAL A 123 27.75 -24.32 -45.09
N LYS A 124 28.95 -24.16 -44.57
CA LYS A 124 29.25 -24.52 -43.18
C LYS A 124 28.75 -23.45 -42.22
N GLN A 125 28.26 -23.84 -41.06
CA GLN A 125 27.81 -22.88 -40.07
C GLN A 125 28.76 -22.81 -38.88
N ASN A 126 28.46 -21.88 -37.97
CA ASN A 126 29.15 -21.76 -36.68
C ASN A 126 30.65 -21.50 -36.78
N GLY A 127 31.06 -20.72 -37.77
CA GLY A 127 32.43 -20.25 -37.86
C GLY A 127 32.80 -19.52 -36.57
N LYS A 128 34.04 -19.72 -36.12
CA LYS A 128 34.50 -19.07 -34.89
C LYS A 128 35.83 -18.37 -35.14
N SER A 129 36.36 -17.71 -34.10
CA SER A 129 37.54 -16.87 -34.26
C SER A 129 38.36 -16.74 -32.98
N GLY A 130 39.67 -16.54 -33.14
CA GLY A 130 40.56 -16.35 -32.01
C GLY A 130 40.37 -15.01 -31.32
N ALA A 131 39.73 -14.08 -32.02
CA ALA A 131 39.45 -12.75 -31.48
C ALA A 131 38.30 -12.78 -30.48
N CYS A 132 37.57 -13.88 -30.48
CA CYS A 132 36.36 -14.01 -29.66
C CYS A 132 36.41 -15.31 -28.87
N LYS A 133 37.40 -15.44 -28.00
CA LYS A 133 37.61 -16.69 -27.28
C LYS A 133 36.67 -16.85 -26.10
N ARG A 134 36.18 -18.07 -25.93
CA ARG A 134 35.37 -18.44 -24.77
C ARG A 134 36.04 -19.62 -24.09
N ALA A 135 36.56 -19.40 -22.88
CA ALA A 135 37.32 -20.40 -22.13
C ALA A 135 38.44 -21.00 -22.99
N ASN A 136 39.25 -20.12 -23.56
CA ASN A 136 40.42 -20.46 -24.38
C ASN A 136 40.10 -21.15 -25.70
N VAL A 137 38.82 -21.33 -25.99
CA VAL A 137 38.44 -21.90 -27.27
C VAL A 137 37.90 -20.81 -28.18
N ASP A 138 38.35 -20.80 -29.42
CA ASP A 138 37.79 -19.93 -30.44
C ASP A 138 36.27 -19.99 -30.46
N ASP A 139 35.63 -18.82 -30.40
CA ASP A 139 34.18 -18.75 -30.41
C ASP A 139 33.69 -17.52 -31.19
N PHE A 140 32.45 -17.10 -30.93
CA PHE A 140 31.83 -16.02 -31.67
C PHE A 140 30.63 -15.45 -30.91
N PHE A 141 30.03 -14.39 -31.45
CA PHE A 141 28.80 -13.84 -30.90
C PHE A 141 27.75 -14.93 -30.86
N ASN A 142 27.14 -15.20 -29.71
CA ASN A 142 26.29 -16.37 -29.63
C ASN A 142 24.88 -16.11 -30.20
N ARG A 143 24.63 -14.89 -30.66
CA ARG A 143 23.38 -14.58 -31.33
C ARG A 143 23.58 -14.58 -32.83
N LEU A 144 24.83 -14.70 -33.25
CA LEU A 144 25.18 -14.63 -34.67
C LEU A 144 25.70 -15.98 -35.17
N ASN A 145 25.60 -16.17 -36.48
CA ASN A 145 25.99 -17.42 -37.12
C ASN A 145 26.86 -17.16 -38.35
N TRP A 146 28.16 -17.42 -38.22
CA TRP A 146 29.12 -17.16 -39.28
C TRP A 146 29.09 -18.25 -40.34
N LEU A 147 28.56 -17.92 -41.50
CA LEU A 147 28.49 -18.85 -42.62
C LEU A 147 29.77 -18.81 -43.42
N VAL A 148 30.27 -19.98 -43.79
CA VAL A 148 31.44 -20.09 -44.66
C VAL A 148 31.23 -21.16 -45.73
N LYS A 149 32.18 -21.26 -46.65
CA LYS A 149 32.05 -22.21 -47.75
C LYS A 149 32.12 -23.65 -47.25
N SER A 150 31.52 -24.56 -48.02
CA SER A 150 31.56 -25.98 -47.71
C SER A 150 32.99 -26.53 -47.83
N ASP A 151 33.18 -27.76 -47.36
CA ASP A 151 34.46 -28.43 -47.54
C ASP A 151 34.72 -28.69 -49.03
N GLY A 152 33.64 -28.77 -49.80
CA GLY A 152 33.73 -28.87 -51.24
C GLY A 152 33.96 -27.54 -51.96
N ASN A 153 34.41 -26.54 -51.21
CA ASN A 153 34.75 -25.22 -51.75
C ASN A 153 33.58 -24.56 -52.47
N ALA A 154 32.39 -24.73 -51.90
CA ALA A 154 31.17 -24.17 -52.49
C ALA A 154 30.45 -23.17 -51.55
N TYR A 155 30.08 -22.02 -52.10
CA TYR A 155 29.20 -21.09 -51.41
C TYR A 155 28.10 -20.65 -52.38
N PRO A 156 27.03 -21.45 -52.46
CA PRO A 156 25.92 -21.12 -53.36
C PRO A 156 25.07 -19.98 -52.81
N LEU A 157 24.44 -19.24 -53.73
CA LEU A 157 23.48 -18.20 -53.41
C LEU A 157 22.46 -18.67 -52.37
N GLN A 158 22.36 -17.93 -51.26
CA GLN A 158 21.41 -18.23 -50.19
C GLN A 158 20.16 -17.37 -50.34
N ASN A 159 19.01 -17.96 -50.04
CA ASN A 159 17.73 -17.40 -50.44
C ASN A 159 16.68 -17.92 -49.47
N LEU A 160 16.59 -17.27 -48.31
CA LEU A 160 15.78 -17.80 -47.23
C LEU A 160 14.76 -16.79 -46.72
N THR A 161 13.62 -17.29 -46.26
CA THR A 161 12.52 -16.42 -45.90
C THR A 161 11.99 -16.75 -44.50
N LYS A 162 11.76 -15.71 -43.70
CA LYS A 162 11.10 -15.86 -42.41
C LYS A 162 9.85 -14.99 -42.41
N ILE A 163 8.70 -15.63 -42.23
CA ILE A 163 7.44 -14.91 -42.23
C ILE A 163 7.03 -14.61 -40.79
N ASN A 164 6.44 -13.43 -40.58
CA ASN A 164 5.96 -13.04 -39.27
C ASN A 164 4.43 -12.97 -39.17
N ASN A 165 3.83 -14.00 -38.60
CA ASN A 165 2.42 -13.94 -38.22
C ASN A 165 2.26 -14.18 -36.73
N GLY A 166 3.23 -13.68 -35.97
CA GLY A 166 3.07 -13.55 -34.53
C GLY A 166 2.39 -12.21 -34.31
N ASP A 167 2.19 -11.84 -33.06
CA ASP A 167 1.50 -10.60 -32.73
C ASP A 167 2.45 -9.53 -32.20
N TYR A 168 3.72 -9.64 -32.58
CA TYR A 168 4.74 -8.69 -32.14
C TYR A 168 5.77 -8.46 -33.24
N ALA A 169 6.37 -7.27 -33.26
CA ALA A 169 7.40 -6.96 -34.23
C ALA A 169 8.70 -7.65 -33.85
N ARG A 170 9.44 -8.08 -34.86
CA ARG A 170 10.67 -8.82 -34.66
C ARG A 170 11.90 -7.99 -35.00
N LEU A 171 12.93 -8.07 -34.16
CA LEU A 171 14.19 -7.41 -34.43
C LEU A 171 15.23 -8.43 -34.82
N TYR A 172 15.65 -8.41 -36.08
CA TYR A 172 16.74 -9.26 -36.57
C TYR A 172 18.03 -8.48 -36.65
N ILE A 173 19.06 -8.99 -35.97
CA ILE A 173 20.38 -8.39 -36.03
C ILE A 173 21.27 -9.31 -36.85
N TRP A 174 21.94 -8.72 -37.84
CA TRP A 174 22.75 -9.47 -38.79
C TRP A 174 23.92 -8.60 -39.21
N GLY A 175 24.93 -9.22 -39.83
CA GLY A 175 26.13 -8.50 -40.18
C GLY A 175 26.78 -8.87 -41.50
N VAL A 176 27.76 -8.08 -41.90
CA VAL A 176 28.53 -8.35 -43.10
C VAL A 176 30.01 -8.35 -42.73
N HIS A 177 30.71 -9.40 -43.15
CA HIS A 177 32.14 -9.49 -42.86
C HIS A 177 32.98 -8.86 -43.96
N HIS A 178 33.95 -8.05 -43.55
CA HIS A 178 34.91 -7.44 -44.47
C HIS A 178 36.27 -8.10 -44.27
N PRO A 179 36.68 -8.95 -45.22
CA PRO A 179 37.99 -9.61 -45.13
C PRO A 179 39.15 -8.62 -45.29
N SER A 180 40.32 -9.01 -44.80
CA SER A 180 41.52 -8.21 -44.92
C SER A 180 42.12 -8.26 -46.33
N THR A 181 42.03 -9.42 -46.99
CA THR A 181 42.64 -9.63 -48.31
C THR A 181 41.75 -10.46 -49.25
N SER A 182 42.07 -10.45 -50.53
CA SER A 182 41.37 -11.31 -51.51
C SER A 182 41.49 -12.78 -51.13
N THR A 183 42.65 -13.15 -50.60
CA THR A 183 42.90 -14.52 -50.16
C THR A 183 41.92 -14.92 -49.06
N GLU A 184 41.84 -14.07 -48.04
CA GLU A 184 40.90 -14.30 -46.94
C GLU A 184 39.46 -14.36 -47.46
N GLN A 185 39.15 -13.50 -48.42
CA GLN A 185 37.83 -13.52 -49.04
C GLN A 185 37.53 -14.90 -49.66
N THR A 186 38.39 -15.35 -50.57
CA THR A 186 38.19 -16.66 -51.22
C THR A 186 38.31 -17.83 -50.23
N ASN A 187 39.29 -17.76 -49.35
CA ASN A 187 39.46 -18.81 -48.33
C ASN A 187 38.23 -19.00 -47.45
N LEU A 188 37.46 -17.93 -47.24
CA LEU A 188 36.28 -17.99 -46.39
C LEU A 188 34.99 -18.25 -47.15
N TYR A 189 34.83 -17.59 -48.30
CA TYR A 189 33.52 -17.61 -48.97
C TYR A 189 33.56 -18.03 -50.43
N LYS A 190 34.71 -18.51 -50.92
CA LYS A 190 34.86 -18.91 -52.31
C LYS A 190 34.68 -17.72 -53.26
N ASN A 191 33.44 -17.31 -53.43
CA ASN A 191 33.09 -16.22 -54.34
C ASN A 191 33.82 -14.92 -54.02
N ASN A 192 34.05 -14.11 -55.04
CA ASN A 192 34.65 -12.79 -54.86
C ASN A 192 34.16 -11.89 -55.99
N PRO A 193 33.38 -10.84 -55.65
CA PRO A 193 33.04 -10.40 -54.29
C PRO A 193 31.85 -11.13 -53.66
N GLY A 194 31.66 -10.95 -52.36
CA GLY A 194 30.47 -11.42 -51.68
C GLY A 194 29.34 -10.43 -51.89
N GLY A 195 28.33 -10.48 -51.02
CA GLY A 195 27.23 -9.55 -51.12
C GLY A 195 26.05 -9.99 -50.29
N VAL A 196 25.36 -9.03 -49.70
CA VAL A 196 24.20 -9.33 -48.87
C VAL A 196 23.05 -8.40 -49.22
N THR A 197 21.83 -8.94 -49.29
CA THR A 197 20.63 -8.13 -49.37
C THR A 197 19.57 -8.70 -48.44
N VAL A 198 19.11 -7.88 -47.50
CA VAL A 198 18.07 -8.27 -46.57
C VAL A 198 16.87 -7.35 -46.77
N SER A 199 15.68 -7.92 -46.93
CA SER A 199 14.53 -7.12 -47.30
C SER A 199 13.21 -7.55 -46.69
N THR A 200 12.33 -6.58 -46.50
CA THR A 200 10.95 -6.85 -46.14
C THR A 200 10.10 -6.44 -47.34
N LYS A 201 8.78 -6.37 -47.14
CA LYS A 201 7.91 -5.97 -48.22
C LYS A 201 8.21 -4.54 -48.65
N THR A 202 8.56 -3.70 -47.69
CA THR A 202 8.63 -2.26 -47.93
C THR A 202 9.99 -1.63 -47.63
N SER A 203 10.94 -2.42 -47.11
CA SER A 203 12.25 -1.86 -46.84
C SER A 203 13.32 -2.86 -47.23
N GLN A 204 14.55 -2.38 -47.41
CA GLN A 204 15.66 -3.24 -47.77
C GLN A 204 17.01 -2.65 -47.34
N THR A 205 17.99 -3.52 -47.18
CA THR A 205 19.37 -3.08 -46.98
C THR A 205 20.28 -3.96 -47.84
N SER A 206 21.13 -3.33 -48.63
CA SER A 206 22.07 -4.07 -49.48
C SER A 206 23.49 -3.63 -49.15
N VAL A 207 24.38 -4.61 -48.99
CA VAL A 207 25.76 -4.33 -48.59
C VAL A 207 26.77 -5.10 -49.44
N VAL A 208 27.74 -4.38 -50.00
CA VAL A 208 28.85 -5.00 -50.68
C VAL A 208 30.06 -4.97 -49.75
N PRO A 209 30.70 -6.14 -49.55
CA PRO A 209 31.86 -6.16 -48.65
C PRO A 209 32.97 -5.24 -49.16
N ASP A 210 33.83 -4.81 -48.25
CA ASP A 210 34.96 -3.96 -48.61
C ASP A 210 36.25 -4.59 -48.11
N ILE A 211 37.05 -5.09 -49.05
CA ILE A 211 38.25 -5.83 -48.69
C ILE A 211 39.43 -4.88 -48.46
N GLY A 212 40.12 -5.05 -47.34
CA GLY A 212 41.26 -4.21 -47.03
C GLY A 212 41.82 -4.41 -45.63
N SER A 213 43.03 -3.92 -45.41
CA SER A 213 43.67 -4.01 -44.11
C SER A 213 43.18 -2.92 -43.16
N ARG A 214 42.63 -3.35 -42.02
CA ARG A 214 42.31 -2.47 -40.91
C ARG A 214 43.36 -2.70 -39.82
N PRO A 215 43.42 -1.82 -38.81
CA PRO A 215 44.36 -2.08 -37.70
C PRO A 215 44.10 -3.42 -37.04
N LEU A 216 45.16 -4.04 -36.50
CA LEU A 216 45.03 -5.33 -35.82
C LEU A 216 44.35 -5.19 -34.48
N VAL A 217 43.21 -5.85 -34.33
CA VAL A 217 42.49 -5.87 -33.08
C VAL A 217 42.24 -7.32 -32.68
N ARG A 218 42.81 -7.73 -31.55
CA ARG A 218 42.76 -9.13 -31.13
C ARG A 218 43.22 -10.08 -32.23
N GLU A 219 44.23 -9.66 -32.99
CA GLU A 219 44.81 -10.48 -34.04
C GLU A 219 44.03 -10.52 -35.34
N GLN A 220 43.20 -9.52 -35.58
CA GLN A 220 42.39 -9.52 -36.79
C GLN A 220 42.40 -8.18 -37.51
N SER A 221 42.52 -8.23 -38.83
CA SER A 221 42.50 -7.04 -39.67
C SER A 221 41.13 -6.84 -40.33
N GLY A 222 40.31 -7.88 -40.32
CA GLY A 222 38.98 -7.79 -40.86
C GLY A 222 38.02 -7.13 -39.88
N ARG A 223 36.84 -6.80 -40.38
CA ARG A 223 35.80 -6.21 -39.54
C ARG A 223 34.45 -6.82 -39.90
N VAL A 224 33.55 -6.83 -38.92
CA VAL A 224 32.15 -7.12 -39.17
C VAL A 224 31.34 -5.83 -38.97
N SER A 225 30.51 -5.49 -39.95
CA SER A 225 29.57 -4.39 -39.76
C SER A 225 28.18 -4.95 -39.52
N PHE A 226 27.57 -4.55 -38.42
CA PHE A 226 26.24 -5.06 -38.06
C PHE A 226 25.12 -4.13 -38.51
N TYR A 227 24.01 -4.74 -38.90
CA TYR A 227 22.84 -4.03 -39.38
C TYR A 227 21.63 -4.60 -38.66
N TRP A 228 20.48 -3.99 -38.81
CA TRP A 228 19.27 -4.59 -38.28
C TRP A 228 18.07 -4.41 -39.20
N THR A 229 17.08 -5.27 -38.99
CA THR A 229 15.83 -5.21 -39.73
C THR A 229 14.70 -5.47 -38.78
N ILE A 230 13.70 -4.61 -38.83
CA ILE A 230 12.50 -4.81 -38.03
C ILE A 230 11.40 -5.39 -38.92
N VAL A 231 10.77 -6.46 -38.45
CA VAL A 231 9.72 -7.14 -39.22
C VAL A 231 8.41 -7.08 -38.47
N GLU A 232 7.47 -6.29 -38.98
CA GLU A 232 6.16 -6.14 -38.33
C GLU A 232 5.33 -7.40 -38.51
N PRO A 233 4.30 -7.58 -37.66
CA PRO A 233 3.34 -8.66 -37.91
C PRO A 233 2.71 -8.52 -39.28
N GLY A 234 2.66 -9.61 -40.05
CA GLY A 234 2.06 -9.58 -41.37
C GLY A 234 3.06 -9.22 -42.44
N ASP A 235 4.31 -9.06 -42.03
CA ASP A 235 5.39 -8.81 -42.97
C ASP A 235 6.32 -10.01 -42.92
N LEU A 236 7.36 -10.00 -43.74
CA LEU A 236 8.31 -11.10 -43.77
C LEU A 236 9.69 -10.60 -44.18
N ILE A 237 10.72 -11.39 -43.87
CA ILE A 237 12.08 -10.98 -44.15
C ILE A 237 12.75 -12.00 -45.06
N VAL A 238 13.54 -11.51 -46.01
CA VAL A 238 14.25 -12.37 -46.94
C VAL A 238 15.75 -12.09 -46.88
N PHE A 239 16.53 -13.12 -46.56
CA PHE A 239 17.99 -13.01 -46.58
C PHE A 239 18.57 -13.55 -47.89
N ASN A 240 19.43 -12.76 -48.51
CA ASN A 240 19.98 -13.06 -49.83
C ASN A 240 21.49 -12.85 -49.83
N THR A 241 22.26 -13.90 -50.15
CA THR A 241 23.71 -13.81 -50.01
C THR A 241 24.50 -14.66 -50.98
N ILE A 242 25.61 -14.11 -51.49
CA ILE A 242 26.59 -14.90 -52.22
C ILE A 242 27.94 -14.88 -51.49
N GLY A 243 27.90 -14.48 -50.21
CA GLY A 243 29.10 -14.47 -49.39
C GLY A 243 29.11 -13.38 -48.32
N ASN A 244 29.85 -13.65 -47.24
CA ASN A 244 30.18 -12.66 -46.20
C ASN A 244 29.05 -12.35 -45.21
N LEU A 245 27.93 -13.04 -45.32
CA LEU A 245 26.84 -12.82 -44.38
C LEU A 245 27.16 -13.37 -42.99
N ILE A 246 26.96 -12.53 -41.98
CA ILE A 246 26.96 -13.00 -40.61
C ILE A 246 25.50 -13.11 -40.21
N ALA A 247 24.99 -14.33 -40.23
CA ALA A 247 23.56 -14.58 -40.13
C ALA A 247 23.06 -14.55 -38.70
N PRO A 248 21.77 -14.20 -38.53
CA PRO A 248 21.11 -14.28 -37.22
C PRO A 248 20.74 -15.71 -36.85
N ARG A 249 20.61 -15.98 -35.56
CA ARG A 249 20.17 -17.29 -35.09
C ARG A 249 18.71 -17.20 -34.66
N GLY A 250 18.09 -16.05 -34.97
CA GLY A 250 16.73 -15.79 -34.53
C GLY A 250 16.48 -14.30 -34.43
N HIS A 251 15.53 -13.90 -33.59
CA HIS A 251 15.19 -12.50 -33.44
C HIS A 251 14.92 -12.13 -32.00
N TYR A 252 15.03 -10.84 -31.69
CA TYR A 252 14.57 -10.32 -30.41
C TYR A 252 13.12 -9.91 -30.52
N LYS A 253 12.39 -10.07 -29.43
CA LYS A 253 11.02 -9.57 -29.35
C LYS A 253 11.04 -8.08 -29.03
N LEU A 254 10.22 -7.31 -29.77
CA LEU A 254 9.99 -5.92 -29.43
C LEU A 254 8.66 -5.75 -28.70
N ASN A 255 8.69 -5.08 -27.56
CA ASN A 255 7.47 -4.61 -26.92
C ASN A 255 6.74 -3.65 -27.86
N ASN A 256 5.41 -3.68 -27.85
CA ASN A 256 4.64 -2.70 -28.60
C ASN A 256 4.90 -1.30 -28.06
N GLN A 257 4.81 -1.17 -26.75
CA GLN A 257 5.09 0.08 -26.06
C GLN A 257 6.53 0.05 -25.56
N LYS A 258 7.32 1.03 -25.97
CA LYS A 258 8.73 1.07 -25.53
C LYS A 258 8.95 2.26 -24.60
N LYS A 259 9.21 1.94 -23.33
CA LYS A 259 9.21 2.90 -22.23
C LYS A 259 10.53 3.00 -21.48
N SER A 260 11.54 2.27 -21.91
CA SER A 260 12.77 2.17 -21.13
C SER A 260 13.86 3.06 -21.71
N THR A 261 15.02 3.05 -21.06
CA THR A 261 16.15 3.81 -21.53
C THR A 261 17.43 3.28 -20.91
N ILE A 262 18.53 4.00 -21.15
CA ILE A 262 19.86 3.59 -20.75
C ILE A 262 20.57 4.76 -20.06
N LEU A 263 21.43 4.44 -19.10
CA LEU A 263 22.19 5.42 -18.36
C LEU A 263 23.65 4.97 -18.27
N ASN A 264 24.56 5.74 -18.85
CA ASN A 264 25.98 5.39 -18.82
C ASN A 264 26.64 6.06 -17.62
N THR A 265 27.11 5.24 -16.68
CA THR A 265 27.67 5.74 -15.44
C THR A 265 28.50 4.66 -14.75
N ALA A 266 29.47 5.09 -13.93
CA ALA A 266 30.35 4.18 -13.22
C ALA A 266 29.86 3.98 -11.79
N ILE A 267 28.80 4.70 -11.45
CA ILE A 267 28.27 4.71 -10.09
C ILE A 267 27.66 3.35 -9.72
N PRO A 268 27.99 2.84 -8.52
CA PRO A 268 27.52 1.51 -8.14
C PRO A 268 26.06 1.49 -7.70
N ILE A 269 25.41 0.34 -7.90
CA ILE A 269 24.05 0.13 -7.44
C ILE A 269 24.06 -0.24 -5.96
N CYS A 272 18.33 -0.30 -3.40
CA CYS A 272 17.49 0.58 -2.62
C CYS A 272 16.20 0.90 -3.37
N LYS A 273 15.34 1.71 -2.75
CA LYS A 273 14.01 1.98 -3.31
C LYS A 273 13.72 3.48 -3.39
N SER A 274 13.59 4.00 -4.60
CA SER A 274 13.27 5.42 -4.81
C SER A 274 12.51 5.59 -6.12
N GLU A 275 11.49 6.43 -6.10
CA GLU A 275 10.57 6.60 -7.23
C GLU A 275 11.13 7.52 -8.32
N CYS A 276 11.96 8.48 -7.92
CA CYS A 276 12.48 9.47 -8.87
C CYS A 276 13.95 9.20 -9.19
N ILE A 277 14.25 9.10 -10.48
CA ILE A 277 15.61 8.86 -10.94
C ILE A 277 16.10 10.05 -11.75
N THR A 278 17.33 10.49 -11.48
CA THR A 278 18.03 11.46 -12.32
C THR A 278 19.37 10.85 -12.70
N PRO A 279 20.03 11.40 -13.74
CA PRO A 279 21.36 10.90 -14.11
C PRO A 279 22.38 11.08 -12.99
N ASN A 280 22.10 11.94 -12.02
CA ASN A 280 22.98 12.13 -10.87
C ASN A 280 22.75 11.03 -9.83
N GLY A 281 21.63 10.32 -9.98
CA GLY A 281 21.21 9.34 -9.00
C GLY A 281 19.76 9.58 -8.60
N SER A 282 19.19 8.67 -7.82
CA SER A 282 17.82 8.83 -7.35
C SER A 282 17.72 9.99 -6.36
N ILE A 283 16.58 10.66 -6.34
CA ILE A 283 16.36 11.75 -5.39
C ILE A 283 15.03 11.56 -4.66
N PRO A 284 14.96 12.01 -3.39
CA PRO A 284 13.68 11.98 -2.67
C PRO A 284 12.64 12.82 -3.42
N ASN A 285 11.37 12.48 -3.29
CA ASN A 285 10.33 13.24 -3.99
C ASN A 285 9.30 13.85 -3.04
N ASP A 286 9.68 14.04 -1.79
CA ASP A 286 8.81 14.72 -0.83
C ASP A 286 8.63 16.20 -1.18
N LYS A 287 9.64 16.81 -1.80
CA LYS A 287 9.58 18.23 -2.15
C LYS A 287 8.97 18.42 -3.54
N PRO A 288 8.24 19.54 -3.74
CA PRO A 288 7.60 19.76 -5.04
C PRO A 288 8.59 20.17 -6.13
N PHE A 289 9.74 20.71 -5.74
CA PHE A 289 10.71 21.16 -6.73
C PHE A 289 12.09 20.55 -6.52
N GLN A 290 12.93 20.62 -7.54
CA GLN A 290 14.29 20.08 -7.45
C GLN A 290 15.20 20.84 -8.37
N ASN A 291 16.48 20.83 -8.02
CA ASN A 291 17.50 21.64 -8.65
C ASN A 291 18.60 20.72 -9.16
N VAL A 292 18.34 19.41 -9.11
CA VAL A 292 19.38 18.41 -9.37
C VAL A 292 19.63 18.19 -10.86
N ASN A 293 18.58 17.93 -11.62
CA ASN A 293 18.73 17.69 -13.05
C ASN A 293 17.40 17.89 -13.76
N ARG A 294 17.44 18.53 -14.93
CA ARG A 294 16.25 18.67 -15.76
C ARG A 294 15.82 17.32 -16.37
N ILE A 295 16.75 16.38 -16.43
CA ILE A 295 16.45 15.03 -16.91
C ILE A 295 15.99 14.17 -15.74
N THR A 296 14.76 13.64 -15.81
CA THR A 296 14.23 12.82 -14.73
C THR A 296 13.40 11.65 -15.27
N TYR A 297 13.14 10.66 -14.43
CA TYR A 297 12.23 9.57 -14.76
C TYR A 297 11.47 9.19 -13.49
N GLY A 298 10.16 9.05 -13.59
CA GLY A 298 9.36 8.63 -12.45
C GLY A 298 8.55 9.74 -11.82
N ALA A 299 8.12 9.50 -10.58
CA ALA A 299 7.38 10.50 -9.81
C ALA A 299 8.37 11.49 -9.21
N CYS A 300 8.59 12.59 -9.93
CA CYS A 300 9.69 13.48 -9.60
C CYS A 300 9.24 14.91 -9.29
N PRO A 301 9.99 15.59 -8.41
CA PRO A 301 9.72 17.03 -8.22
C PRO A 301 10.03 17.76 -9.51
N ARG A 302 9.44 18.92 -9.73
CA ARG A 302 9.67 19.64 -10.97
C ARG A 302 10.98 20.41 -10.93
N TYR A 303 11.73 20.36 -12.03
CA TYR A 303 13.00 21.05 -12.11
C TYR A 303 12.81 22.56 -12.16
N VAL A 304 13.51 23.28 -11.29
CA VAL A 304 13.50 24.74 -11.28
C VAL A 304 14.93 25.27 -11.22
N LYS A 305 15.13 26.53 -11.57
CA LYS A 305 16.46 27.17 -11.53
C LYS A 305 16.92 27.59 -10.13
N HIS A 306 15.99 27.88 -9.22
CA HIS A 306 16.37 28.31 -7.86
C HIS A 306 17.09 27.19 -7.10
N SER A 307 18.08 27.55 -6.30
CA SER A 307 18.79 26.56 -5.48
C SER A 307 18.07 26.33 -4.15
N THR A 308 17.25 27.30 -3.75
CA THR A 308 16.52 27.19 -2.50
C THR A 308 15.24 28.01 -2.55
N LEU A 309 14.20 27.51 -1.89
CA LEU A 309 12.92 28.22 -1.78
C LEU A 309 12.27 27.85 -0.45
N LYS A 310 12.32 28.77 0.50
CA LYS A 310 11.85 28.48 1.86
C LYS A 310 10.38 28.85 2.03
N LEU A 311 9.58 27.87 2.44
CA LEU A 311 8.17 28.10 2.74
C LEU A 311 8.03 28.28 4.23
N ALA A 312 7.53 29.44 4.65
CA ALA A 312 7.30 29.68 6.08
C ALA A 312 6.30 28.68 6.63
N THR A 313 6.59 28.13 7.81
CA THR A 313 5.68 27.21 8.46
C THR A 313 5.41 27.70 9.87
N GLY A 314 5.69 28.98 10.12
CA GLY A 314 5.43 29.58 11.42
C GLY A 314 5.24 31.09 11.28
N MET A 315 4.88 31.74 12.38
CA MET A 315 4.64 33.18 12.37
C MET A 315 5.92 33.98 12.22
N ARG A 316 5.77 35.28 12.01
CA ARG A 316 6.91 36.18 12.06
C ARG A 316 7.64 36.07 13.40
N ASN A 317 8.96 36.02 13.37
CA ASN A 317 9.74 35.91 14.59
C ASN A 317 10.13 37.28 15.13
N VAL A 318 9.59 37.66 16.29
CA VAL A 318 9.87 38.98 16.86
C VAL A 318 10.49 38.83 18.24
N PRO A 319 11.82 38.79 18.30
CA PRO A 319 12.47 38.59 19.59
C PRO A 319 12.73 39.92 20.29
N GLU A 320 13.23 39.85 21.52
CA GLU A 320 13.83 40.96 22.29
C GLU A 320 13.75 40.62 23.77
N GLY B 1 2.20 42.24 9.91
CA GLY B 1 0.97 41.68 9.38
C GLY B 1 -0.09 42.74 9.16
N ILE B 2 -1.09 42.40 8.36
CA ILE B 2 -2.14 43.35 8.01
C ILE B 2 -3.07 43.69 9.17
N PHE B 3 -3.06 42.88 10.22
CA PHE B 3 -3.92 43.14 11.37
C PHE B 3 -3.24 43.98 12.45
N GLY B 4 -1.91 44.00 12.42
CA GLY B 4 -1.17 44.91 13.27
C GLY B 4 -0.94 44.42 14.68
N ALA B 5 -1.12 43.13 14.92
CA ALA B 5 -0.85 42.57 16.24
C ALA B 5 0.61 42.12 16.35
N ILE B 6 0.95 41.06 15.62
CA ILE B 6 2.32 40.55 15.63
C ILE B 6 3.25 41.53 14.92
N ALA B 7 4.38 41.86 15.55
CA ALA B 7 5.25 42.95 15.10
C ALA B 7 4.49 44.27 14.98
N GLY B 8 3.41 44.39 15.76
CA GLY B 8 2.57 45.58 15.77
C GLY B 8 2.36 46.07 17.19
N PHE B 9 1.12 46.10 17.67
CA PHE B 9 0.87 46.56 19.05
C PHE B 9 1.37 45.58 20.11
N ILE B 10 1.63 44.34 19.70
CA ILE B 10 2.35 43.42 20.56
C ILE B 10 3.83 43.58 20.27
N GLU B 11 4.56 44.16 21.24
CA GLU B 11 5.93 44.60 21.01
C GLU B 11 6.89 43.49 20.58
N ASN B 12 6.78 42.32 21.20
CA ASN B 12 7.63 41.18 20.81
C ASN B 12 7.05 39.85 21.25
N GLY B 13 7.60 38.78 20.69
CA GLY B 13 7.20 37.42 21.06
C GLY B 13 7.85 36.96 22.35
N TRP B 14 7.35 35.84 22.87
CA TRP B 14 7.85 35.26 24.11
C TRP B 14 8.65 33.99 23.84
N GLU B 15 9.95 34.03 24.04
CA GLU B 15 10.77 32.81 23.85
C GLU B 15 10.45 31.76 24.91
N GLY B 16 10.05 32.22 26.09
CA GLY B 16 9.72 31.32 27.17
C GLY B 16 8.39 30.59 27.03
N MET B 17 7.68 30.85 25.94
CA MET B 17 6.45 30.10 25.67
C MET B 17 6.72 28.99 24.67
N VAL B 18 6.88 27.77 25.17
CA VAL B 18 7.30 26.64 24.35
C VAL B 18 6.24 25.53 24.29
N ASP B 19 5.07 25.80 24.83
CA ASP B 19 3.97 24.85 24.80
C ASP B 19 2.80 25.29 23.91
N GLY B 20 3.02 26.37 23.17
CA GLY B 20 1.99 26.90 22.30
C GLY B 20 2.46 28.12 21.54
N TRP B 21 1.70 28.54 20.54
CA TRP B 21 2.07 29.66 19.68
C TRP B 21 1.52 30.98 20.20
N TYR B 22 0.38 30.90 20.88
CA TYR B 22 -0.29 32.07 21.42
C TYR B 22 -0.60 31.75 22.88
N GLY B 23 -0.76 32.78 23.71
CA GLY B 23 -1.05 32.53 25.10
C GLY B 23 -1.28 33.76 25.94
N PHE B 24 -1.38 33.54 27.26
CA PHE B 24 -1.67 34.59 28.20
C PHE B 24 -0.57 34.69 29.23
N ARG B 25 -0.23 35.91 29.61
CA ARG B 25 0.59 36.17 30.77
C ARG B 25 -0.20 37.08 31.67
N HIS B 26 -0.17 36.82 32.97
CA HIS B 26 -0.97 37.58 33.91
C HIS B 26 -0.13 38.00 35.09
N GLN B 27 -0.60 39.03 35.78
CA GLN B 27 -0.08 39.36 37.09
C GLN B 27 -1.27 39.68 37.98
N ASN B 28 -1.35 39.00 39.12
CA ASN B 28 -2.40 39.25 40.09
C ASN B 28 -1.86 39.21 41.52
N SER B 29 -2.76 39.08 42.48
CA SER B 29 -2.38 39.03 43.90
C SER B 29 -1.52 37.81 44.23
N GLU B 30 -1.78 36.70 43.54
CA GLU B 30 -1.09 35.44 43.80
C GLU B 30 0.25 35.30 43.06
N GLY B 31 0.57 36.24 42.19
CA GLY B 31 1.81 36.17 41.43
C GLY B 31 1.72 36.46 39.93
N ARG B 32 2.68 35.93 39.17
CA ARG B 32 2.78 36.13 37.73
C ARG B 32 2.82 34.78 37.05
N GLY B 33 2.06 34.59 35.98
CA GLY B 33 2.00 33.31 35.32
C GLY B 33 1.91 33.37 33.81
N GLN B 34 2.06 32.23 33.16
CA GLN B 34 2.01 32.12 31.72
C GLN B 34 1.26 30.84 31.36
N ALA B 35 0.44 30.90 30.32
CA ALA B 35 -0.34 29.74 29.88
C ALA B 35 -0.67 29.85 28.39
N ALA B 36 -0.44 28.77 27.65
CA ALA B 36 -0.70 28.77 26.21
C ALA B 36 -2.18 28.64 25.91
N ASP B 37 -2.61 29.19 24.77
CA ASP B 37 -3.97 28.99 24.28
C ASP B 37 -3.94 27.95 23.17
N LEU B 38 -4.60 26.82 23.39
CA LEU B 38 -4.46 25.67 22.50
C LEU B 38 -5.27 25.82 21.23
N LYS B 39 -6.48 26.36 21.35
CA LYS B 39 -7.39 26.49 20.21
C LYS B 39 -6.84 27.42 19.12
N SER B 40 -6.35 28.58 19.50
CA SER B 40 -5.75 29.50 18.52
C SER B 40 -4.45 28.91 17.97
N THR B 41 -3.65 28.30 18.84
CA THR B 41 -2.45 27.59 18.37
C THR B 41 -2.79 26.55 17.30
N GLN B 42 -3.79 25.72 17.58
CA GLN B 42 -4.16 24.65 16.66
C GLN B 42 -4.76 25.18 15.36
N ALA B 43 -5.51 26.29 15.47
CA ALA B 43 -6.12 26.91 14.30
C ALA B 43 -5.07 27.38 13.30
N ALA B 44 -4.00 27.98 13.81
CA ALA B 44 -2.88 28.40 12.95
C ALA B 44 -2.17 27.20 12.35
N ILE B 45 -1.86 26.21 13.18
CA ILE B 45 -1.17 25.02 12.74
C ILE B 45 -1.96 24.24 11.68
N ASP B 46 -3.28 24.14 11.87
CA ASP B 46 -4.11 23.45 10.88
C ASP B 46 -4.06 24.12 9.51
N GLN B 47 -4.08 25.45 9.48
CA GLN B 47 -4.04 26.17 8.21
C GLN B 47 -2.70 25.99 7.51
N ILE B 48 -1.62 26.01 8.28
CA ILE B 48 -0.28 25.81 7.70
C ILE B 48 -0.12 24.37 7.19
N ASN B 49 -0.62 23.41 7.95
CA ASN B 49 -0.60 22.02 7.49
C ASN B 49 -1.44 21.81 6.23
N GLY B 50 -2.52 22.59 6.08
CA GLY B 50 -3.31 22.57 4.87
C GLY B 50 -2.49 23.00 3.66
N LYS B 51 -1.65 24.01 3.85
CA LYS B 51 -0.76 24.46 2.77
C LYS B 51 0.27 23.38 2.46
N LEU B 52 0.84 22.79 3.51
CA LEU B 52 1.84 21.74 3.32
C LEU B 52 1.27 20.55 2.58
N ASN B 53 0.03 20.18 2.91
CA ASN B 53 -0.64 19.05 2.27
C ASN B 53 -0.80 19.25 0.76
N ARG B 54 -0.93 20.51 0.34
CA ARG B 54 -1.03 20.84 -1.09
C ARG B 54 0.31 20.77 -1.82
N LEU B 55 1.41 20.88 -1.07
CA LEU B 55 2.74 21.01 -1.67
C LEU B 55 3.64 19.80 -1.46
N ILE B 56 3.50 19.14 -0.32
CA ILE B 56 4.36 18.03 0.05
C ILE B 56 3.80 16.67 -0.35
N GLY B 57 4.63 15.86 -1.00
CA GLY B 57 4.28 14.49 -1.36
C GLY B 57 3.19 14.34 -2.41
N LYS B 58 3.24 15.17 -3.44
CA LYS B 58 2.22 15.13 -4.49
C LYS B 58 2.79 15.26 -5.90
N THR B 59 4.01 14.76 -6.10
CA THR B 59 4.68 14.91 -7.39
C THR B 59 3.99 14.11 -8.50
N ASN B 60 4.28 14.47 -9.75
CA ASN B 60 3.64 13.84 -10.90
C ASN B 60 4.60 13.02 -11.77
N GLU B 61 4.13 11.86 -12.22
CA GLU B 61 4.96 10.91 -12.95
C GLU B 61 5.20 11.32 -14.39
N LYS B 62 6.48 11.38 -14.77
CA LYS B 62 6.83 11.52 -16.17
C LYS B 62 7.73 10.36 -16.56
N PHE B 63 7.60 9.89 -17.80
CA PHE B 63 8.41 8.77 -18.24
C PHE B 63 9.24 9.15 -19.46
N HIS B 64 8.92 8.63 -20.63
CA HIS B 64 9.70 9.00 -21.83
C HIS B 64 9.41 10.43 -22.29
N GLN B 65 10.46 11.23 -22.43
CA GLN B 65 10.28 12.62 -22.80
C GLN B 65 11.10 12.95 -24.04
N ILE B 66 11.76 14.09 -24.04
CA ILE B 66 12.66 14.46 -25.13
C ILE B 66 14.08 14.47 -24.57
N GLU B 67 15.07 14.43 -25.44
CA GLU B 67 16.45 14.56 -25.02
C GLU B 67 16.73 16.01 -24.63
N LYS B 68 17.64 16.21 -23.68
CA LYS B 68 17.86 17.54 -23.13
C LYS B 68 19.35 17.90 -23.05
N GLU B 69 20.19 16.95 -23.44
CA GLU B 69 21.62 17.18 -23.62
C GLU B 69 22.03 16.58 -24.95
N PHE B 70 23.01 17.21 -25.61
CA PHE B 70 23.35 16.85 -26.98
C PHE B 70 24.87 16.85 -27.16
N SER B 71 25.39 15.84 -27.85
CA SER B 71 26.83 15.71 -28.06
C SER B 71 27.26 16.33 -29.38
N GLU B 72 26.33 16.52 -30.31
CA GLU B 72 26.65 17.13 -31.61
C GLU B 72 25.73 18.27 -32.01
N VAL B 73 26.31 19.25 -32.71
CA VAL B 73 25.57 20.34 -33.33
C VAL B 73 24.65 19.80 -34.42
N GLU B 74 23.38 20.22 -34.40
CA GLU B 74 22.40 19.74 -35.38
C GLU B 74 21.61 20.88 -36.01
N GLY B 75 21.57 22.02 -35.34
CA GLY B 75 20.82 23.15 -35.85
C GLY B 75 19.35 23.11 -35.46
N ARG B 76 18.49 23.27 -36.46
CA ARG B 76 17.08 23.60 -36.27
C ARG B 76 16.29 22.80 -35.22
N ILE B 77 16.26 21.48 -35.39
CA ILE B 77 15.47 20.63 -34.50
C ILE B 77 16.00 20.67 -33.07
N GLN B 78 17.32 20.68 -32.94
CA GLN B 78 17.94 20.78 -31.62
C GLN B 78 17.69 22.15 -30.96
N ASP B 79 17.67 23.20 -31.78
CA ASP B 79 17.31 24.54 -31.29
C ASP B 79 15.91 24.48 -30.69
N LEU B 80 15.01 23.78 -31.37
CA LEU B 80 13.62 23.69 -30.92
C LEU B 80 13.49 22.89 -29.64
N GLU B 81 14.16 21.73 -29.56
CA GLU B 81 14.14 20.91 -28.34
C GLU B 81 14.69 21.67 -27.12
N LYS B 82 15.78 22.41 -27.34
CA LYS B 82 16.38 23.20 -26.26
C LYS B 82 15.48 24.34 -25.81
N TYR B 83 14.86 25.00 -26.77
CA TYR B 83 13.98 26.15 -26.51
C TYR B 83 12.74 25.72 -25.75
N VAL B 84 12.21 24.55 -26.12
CA VAL B 84 11.03 24.02 -25.44
C VAL B 84 11.33 23.75 -23.97
N GLU B 85 12.46 23.11 -23.71
CA GLU B 85 12.82 22.80 -22.32
C GLU B 85 13.13 24.07 -21.53
N ASP B 86 13.85 25.00 -22.14
CA ASP B 86 14.18 26.27 -21.47
C ASP B 86 12.92 27.08 -21.14
N THR B 87 11.95 27.07 -22.05
CA THR B 87 10.68 27.73 -21.85
C THR B 87 9.94 27.13 -20.66
N LYS B 88 9.90 25.81 -20.63
CA LYS B 88 9.21 25.07 -19.58
C LYS B 88 9.83 25.36 -18.20
N ILE B 89 11.15 25.33 -18.12
CA ILE B 89 11.84 25.55 -16.85
C ILE B 89 11.62 26.97 -16.30
N ASP B 90 11.67 27.96 -17.17
CA ASP B 90 11.44 29.34 -16.76
C ASP B 90 10.00 29.52 -16.24
N LEU B 91 9.05 28.83 -16.85
CA LEU B 91 7.66 28.97 -16.42
C LEU B 91 7.41 28.28 -15.09
N TRP B 92 8.03 27.13 -14.88
CA TRP B 92 7.95 26.46 -13.58
C TRP B 92 8.75 27.21 -12.51
N SER B 93 9.88 27.79 -12.88
CA SER B 93 10.69 28.55 -11.93
C SER B 93 9.89 29.77 -11.47
N TYR B 94 9.15 30.38 -12.40
CA TYR B 94 8.25 31.48 -12.04
C TYR B 94 7.16 31.02 -11.09
N ASN B 95 6.49 29.92 -11.43
CA ASN B 95 5.42 29.40 -10.57
C ASN B 95 5.91 29.16 -9.16
N ALA B 96 7.09 28.56 -9.04
CA ALA B 96 7.64 28.23 -7.72
C ALA B 96 7.96 29.48 -6.93
N GLU B 97 8.54 30.48 -7.60
CA GLU B 97 8.90 31.73 -6.93
C GLU B 97 7.68 32.46 -6.38
N LEU B 98 6.65 32.58 -7.23
CA LEU B 98 5.42 33.28 -6.84
C LEU B 98 4.66 32.52 -5.74
N LEU B 99 4.60 31.20 -5.88
CA LEU B 99 3.92 30.37 -4.88
C LEU B 99 4.47 30.63 -3.48
N VAL B 100 5.79 30.57 -3.35
CA VAL B 100 6.42 30.78 -2.05
C VAL B 100 6.19 32.21 -1.53
N ALA B 101 6.35 33.20 -2.39
CA ALA B 101 6.14 34.59 -1.97
C ALA B 101 4.71 34.83 -1.50
N LEU B 102 3.75 34.29 -2.24
CA LEU B 102 2.32 34.41 -1.90
C LEU B 102 1.92 33.66 -0.63
N GLU B 103 2.33 32.39 -0.52
CA GLU B 103 2.01 31.57 0.64
C GLU B 103 2.62 32.18 1.90
N ASN B 104 3.84 32.68 1.77
CA ASN B 104 4.54 33.24 2.93
C ASN B 104 3.86 34.51 3.41
N GLN B 105 3.50 35.39 2.48
CA GLN B 105 2.74 36.58 2.83
C GLN B 105 1.45 36.19 3.56
N HIS B 106 0.78 35.18 3.02
CA HIS B 106 -0.47 34.71 3.63
C HIS B 106 -0.25 34.05 4.99
N THR B 107 0.81 33.26 5.13
CA THR B 107 1.11 32.62 6.42
C THR B 107 1.37 33.65 7.51
N ILE B 108 2.17 34.66 7.18
CA ILE B 108 2.43 35.74 8.11
C ILE B 108 1.14 36.51 8.45
N ASP B 109 0.25 36.68 7.46
CA ASP B 109 -1.02 37.35 7.73
C ASP B 109 -2.01 36.49 8.53
N LEU B 110 -2.05 35.18 8.28
CA LEU B 110 -3.00 34.34 9.02
C LEU B 110 -2.57 34.17 10.48
N THR B 111 -1.27 34.10 10.72
CA THR B 111 -0.79 33.97 12.09
C THR B 111 -1.02 35.26 12.88
N ASP B 112 -0.88 36.39 12.20
CA ASP B 112 -1.19 37.69 12.79
C ASP B 112 -2.67 37.76 13.08
N SER B 113 -3.49 37.27 12.14
CA SER B 113 -4.93 37.21 12.33
C SER B 113 -5.36 36.39 13.55
N GLU B 114 -4.78 35.20 13.73
CA GLU B 114 -5.15 34.38 14.89
C GLU B 114 -4.84 35.11 16.20
N MET B 115 -3.72 35.83 16.22
CA MET B 115 -3.37 36.59 17.41
C MET B 115 -4.42 37.67 17.67
N ASN B 116 -4.82 38.35 16.60
CA ASN B 116 -5.81 39.40 16.74
C ASN B 116 -7.16 38.87 17.21
N LYS B 117 -7.57 37.71 16.67
CA LYS B 117 -8.85 37.11 17.07
C LYS B 117 -8.87 36.77 18.56
N LEU B 118 -7.76 36.24 19.06
CA LEU B 118 -7.67 35.88 20.47
C LEU B 118 -7.78 37.12 21.33
N PHE B 119 -7.11 38.19 20.92
CA PHE B 119 -7.18 39.46 21.64
C PHE B 119 -8.59 40.02 21.65
N GLU B 120 -9.26 40.01 20.49
CA GLU B 120 -10.62 40.54 20.37
C GLU B 120 -11.62 39.73 21.19
N LYS B 121 -11.47 38.42 21.16
CA LYS B 121 -12.33 37.51 21.93
C LYS B 121 -12.19 37.76 23.43
N THR B 122 -10.95 37.94 23.87
CA THR B 122 -10.68 38.21 25.28
C THR B 122 -11.28 39.55 25.69
N LYS B 123 -11.12 40.55 24.82
CA LYS B 123 -11.65 41.88 25.10
C LYS B 123 -13.16 41.85 25.32
N LYS B 124 -13.87 41.12 24.46
CA LYS B 124 -15.33 41.06 24.55
C LYS B 124 -15.73 40.34 25.83
N GLN B 125 -14.99 39.30 26.19
CA GLN B 125 -15.24 38.55 27.43
C GLN B 125 -15.26 39.44 28.66
N LEU B 126 -14.32 40.37 28.72
CA LEU B 126 -14.12 41.20 29.91
C LEU B 126 -15.15 42.32 30.03
N ARG B 127 -15.87 42.60 28.93
CA ARG B 127 -16.95 43.61 28.93
C ARG B 127 -16.47 44.94 29.49
N GLU B 128 -17.16 45.42 30.52
CA GLU B 128 -16.78 46.69 31.15
C GLU B 128 -15.83 46.53 32.32
N ASN B 129 -15.27 45.34 32.50
CA ASN B 129 -14.45 45.06 33.70
C ASN B 129 -12.96 45.31 33.50
N ALA B 130 -12.58 45.73 32.30
CA ALA B 130 -11.16 45.89 31.97
C ALA B 130 -10.95 46.94 30.88
N GLU B 131 -9.72 47.43 30.75
CA GLU B 131 -9.39 48.36 29.67
C GLU B 131 -8.12 47.90 28.94
N ASP B 132 -8.10 48.12 27.63
CA ASP B 132 -6.99 47.78 26.76
C ASP B 132 -5.89 48.80 26.98
N MET B 133 -4.70 48.35 27.34
CA MET B 133 -3.59 49.26 27.61
C MET B 133 -2.83 49.57 26.33
N GLY B 134 -3.21 48.95 25.22
CA GLY B 134 -2.68 49.30 23.91
C GLY B 134 -1.46 48.48 23.47
N ASN B 135 -1.00 47.59 24.33
CA ASN B 135 0.17 46.75 24.02
C ASN B 135 -0.17 45.27 24.11
N GLY B 136 -1.44 44.94 23.88
CA GLY B 136 -1.89 43.57 24.03
C GLY B 136 -2.22 43.19 25.46
N CYS B 137 -2.13 44.16 26.37
CA CYS B 137 -2.41 43.87 27.78
C CYS B 137 -3.73 44.50 28.22
N PHE B 138 -4.45 43.81 29.09
CA PHE B 138 -5.67 44.38 29.69
C PHE B 138 -5.42 44.71 31.15
N LYS B 139 -5.84 45.90 31.57
CA LYS B 139 -5.87 46.19 32.98
C LYS B 139 -7.23 45.77 33.49
N ILE B 140 -7.25 44.78 34.38
CA ILE B 140 -8.50 44.26 34.90
C ILE B 140 -8.84 44.97 36.21
N TYR B 141 -9.98 45.63 36.26
CA TYR B 141 -10.29 46.53 37.37
C TYR B 141 -10.94 45.85 38.57
N HIS B 142 -10.54 44.62 38.84
CA HIS B 142 -11.01 43.92 40.02
C HIS B 142 -10.00 42.88 40.46
N LYS B 143 -10.13 42.45 41.72
CA LYS B 143 -9.35 41.35 42.26
C LYS B 143 -9.61 40.13 41.40
N CYS B 144 -8.56 39.54 40.82
CA CYS B 144 -8.73 38.34 39.99
C CYS B 144 -7.65 37.31 40.34
N ASP B 145 -7.99 36.40 41.25
CA ASP B 145 -7.07 35.33 41.64
C ASP B 145 -6.81 34.33 40.50
N ASN B 146 -6.04 33.28 40.79
CA ASN B 146 -5.66 32.32 39.74
C ASN B 146 -6.85 31.63 39.06
N ALA B 147 -7.87 31.28 39.85
CA ALA B 147 -9.07 30.66 39.30
C ALA B 147 -9.84 31.63 38.41
N CYS B 148 -9.86 32.91 38.81
CA CYS B 148 -10.50 33.93 38.00
C CYS B 148 -9.78 34.09 36.65
N ILE B 149 -8.46 34.22 36.69
CA ILE B 149 -7.65 34.29 35.48
C ILE B 149 -7.91 33.06 34.62
N GLY B 150 -7.90 31.89 35.26
CA GLY B 150 -8.18 30.64 34.59
C GLY B 150 -9.53 30.61 33.90
N SER B 151 -10.55 31.19 34.54
CA SER B 151 -11.89 31.24 33.97
C SER B 151 -11.93 32.09 32.70
N ILE B 152 -11.13 33.15 32.66
CA ILE B 152 -10.98 33.97 31.47
C ILE B 152 -10.35 33.16 30.35
N ARG B 153 -9.26 32.47 30.66
CA ARG B 153 -8.55 31.68 29.66
C ARG B 153 -9.40 30.53 29.10
N ASN B 154 -10.29 29.96 29.90
CA ASN B 154 -11.10 28.83 29.43
C ASN B 154 -12.55 29.19 29.11
N GLY B 155 -12.83 30.50 29.03
CA GLY B 155 -14.10 30.98 28.53
C GLY B 155 -15.31 30.82 29.45
N THR B 156 -15.06 30.77 30.76
CA THR B 156 -16.15 30.63 31.72
C THR B 156 -16.26 31.85 32.63
N TYR B 157 -15.49 32.90 32.33
CA TYR B 157 -15.52 34.14 33.11
C TYR B 157 -16.90 34.78 33.07
N ASP B 158 -17.47 35.02 34.24
CA ASP B 158 -18.77 35.70 34.34
C ASP B 158 -18.54 37.16 34.75
N HIS B 159 -18.67 38.06 33.78
CA HIS B 159 -18.36 39.47 34.01
C HIS B 159 -19.30 40.13 35.02
N ASN B 160 -20.56 39.68 35.06
CA ASN B 160 -21.56 40.24 35.97
C ASN B 160 -21.16 40.11 37.43
N VAL B 161 -20.41 39.05 37.74
CA VAL B 161 -19.94 38.81 39.10
C VAL B 161 -19.05 39.95 39.62
N TYR B 162 -18.28 40.55 38.72
CA TYR B 162 -17.28 41.53 39.15
C TYR B 162 -17.62 42.96 38.74
N ARG B 163 -18.67 43.10 37.93
CA ARG B 163 -18.99 44.37 37.28
C ARG B 163 -19.09 45.56 38.24
N ASP B 164 -19.78 45.38 39.36
CA ASP B 164 -19.90 46.46 40.34
C ASP B 164 -18.54 46.90 40.89
N GLU B 165 -17.74 45.93 41.32
CA GLU B 165 -16.38 46.22 41.79
C GLU B 165 -15.58 46.92 40.70
N ALA B 166 -15.66 46.41 39.47
CA ALA B 166 -14.88 46.96 38.37
C ALA B 166 -15.28 48.39 38.01
N LEU B 167 -16.58 48.62 37.84
CA LEU B 167 -17.08 49.97 37.53
C LEU B 167 -16.67 51.02 38.57
N ASN B 168 -16.75 50.67 39.84
CA ASN B 168 -16.35 51.59 40.90
C ASN B 168 -14.87 51.96 40.79
N ASN B 169 -14.03 50.97 40.48
CA ASN B 169 -12.60 51.22 40.30
C ASN B 169 -12.29 52.05 39.05
N ARG B 170 -12.96 51.77 37.94
CA ARG B 170 -12.73 52.48 36.68
C ARG B 170 -13.18 53.92 36.74
N PHE B 171 -14.38 54.14 37.26
CA PHE B 171 -15.03 55.44 37.21
C PHE B 171 -15.07 56.10 38.58
N GLN B 172 -14.01 56.85 38.89
CA GLN B 172 -13.85 57.50 40.17
C GLN B 172 -13.04 58.78 39.95
N ILE B 173 -12.31 59.20 40.98
CA ILE B 173 -11.44 60.37 40.87
C ILE B 173 -10.09 60.10 41.55
N GLU C 1 -18.03 10.04 4.76
CA GLU C 1 -18.33 11.12 3.83
C GLU C 1 -17.44 11.03 2.60
N ILE C 2 -16.63 9.98 2.52
CA ILE C 2 -15.79 9.70 1.37
C ILE C 2 -15.61 8.19 1.28
N VAL C 3 -16.43 7.54 0.47
CA VAL C 3 -16.54 6.08 0.51
C VAL C 3 -15.33 5.44 -0.14
N MET C 4 -14.96 4.27 0.37
CA MET C 4 -13.87 3.46 -0.15
C MET C 4 -14.44 2.12 -0.60
N THR C 5 -14.07 1.70 -1.82
CA THR C 5 -14.57 0.45 -2.39
C THR C 5 -13.38 -0.38 -2.85
N GLN C 6 -13.23 -1.58 -2.27
CA GLN C 6 -12.17 -2.50 -2.65
C GLN C 6 -12.72 -3.55 -3.62
N SER C 7 -11.86 -4.01 -4.52
CA SER C 7 -12.24 -5.00 -5.52
C SER C 7 -11.14 -6.04 -5.74
N PRO C 8 -11.52 -7.32 -5.77
CA PRO C 8 -12.90 -7.79 -5.54
C PRO C 8 -13.18 -8.07 -4.07
N VAL C 9 -14.35 -8.67 -3.78
CA VAL C 9 -14.69 -8.99 -2.41
C VAL C 9 -13.77 -10.10 -1.88
N THR C 10 -13.38 -11.04 -2.76
CA THR C 10 -12.49 -12.12 -2.39
C THR C 10 -11.82 -12.65 -3.64
N LEU C 11 -10.55 -13.01 -3.52
CA LEU C 11 -9.76 -13.49 -4.64
C LEU C 11 -9.02 -14.76 -4.25
N SER C 12 -8.84 -15.65 -5.22
CA SER C 12 -8.12 -16.90 -5.03
C SER C 12 -6.83 -16.84 -5.83
N VAL C 13 -5.70 -16.97 -5.13
CA VAL C 13 -4.38 -16.89 -5.75
C VAL C 13 -3.53 -18.03 -5.24
N SER C 14 -2.88 -18.74 -6.16
CA SER C 14 -1.99 -19.83 -5.78
C SER C 14 -0.78 -19.29 -5.02
N PRO C 15 -0.24 -20.06 -4.07
CA PRO C 15 0.93 -19.59 -3.30
C PRO C 15 2.15 -19.42 -4.20
N GLY C 16 2.74 -18.22 -4.15
CA GLY C 16 3.87 -17.90 -4.99
C GLY C 16 3.53 -16.84 -6.02
N GLU C 17 2.31 -16.89 -6.54
CA GLU C 17 1.87 -15.91 -7.53
C GLU C 17 1.64 -14.55 -6.87
N THR C 18 1.61 -13.51 -7.70
CA THR C 18 1.39 -12.16 -7.23
C THR C 18 -0.11 -11.86 -7.22
N ALA C 19 -0.59 -11.32 -6.10
CA ALA C 19 -2.00 -11.01 -5.91
C ALA C 19 -2.16 -9.49 -5.87
N THR C 20 -2.79 -8.94 -6.89
CA THR C 20 -3.02 -7.50 -7.00
C THR C 20 -4.41 -7.17 -6.47
N LEU C 21 -4.49 -6.22 -5.54
CA LEU C 21 -5.75 -5.78 -4.96
C LEU C 21 -6.09 -4.38 -5.45
N SER C 22 -7.35 -4.01 -5.29
CA SER C 22 -7.85 -2.70 -5.73
C SER C 22 -8.46 -1.96 -4.56
N CYS C 23 -8.30 -0.62 -4.58
CA CYS C 23 -8.86 0.28 -3.56
C CYS C 23 -9.33 1.55 -4.25
N ARG C 24 -10.44 1.46 -4.99
CA ARG C 24 -10.99 2.63 -5.65
C ARG C 24 -11.65 3.55 -4.63
N ALA C 25 -11.38 4.85 -4.76
CA ALA C 25 -11.83 5.83 -3.78
C ALA C 25 -12.51 7.00 -4.49
N SER C 26 -13.73 7.32 -4.08
CA SER C 26 -14.40 8.50 -4.58
C SER C 26 -13.68 9.75 -4.08
N GLN C 27 -13.60 10.76 -4.95
CA GLN C 27 -12.90 12.01 -4.68
C GLN C 27 -11.39 11.79 -4.54
N SER C 28 -10.60 12.84 -4.78
CA SER C 28 -9.16 12.69 -4.83
C SER C 28 -8.59 12.39 -3.45
N VAL C 29 -7.54 11.57 -3.43
CA VAL C 29 -6.83 11.21 -2.21
C VAL C 29 -5.46 10.65 -2.60
N ARG C 30 -4.39 11.27 -2.09
CA ARG C 30 -3.04 10.88 -2.46
C ARG C 30 -2.08 10.87 -1.29
N SER C 31 -2.13 11.93 -0.47
CA SER C 31 -1.17 12.10 0.61
C SER C 31 -1.19 10.93 1.59
N ASN C 32 -2.37 10.51 2.02
CA ASN C 32 -2.51 9.50 3.07
C ASN C 32 -3.33 8.32 2.54
N LEU C 33 -2.76 7.13 2.66
CA LEU C 33 -3.43 5.89 2.26
C LEU C 33 -2.65 4.75 2.92
N ALA C 34 -3.33 3.98 3.75
CA ALA C 34 -2.68 2.94 4.54
C ALA C 34 -3.32 1.59 4.27
N TRP C 35 -2.48 0.58 4.08
CA TRP C 35 -2.92 -0.80 3.90
C TRP C 35 -2.71 -1.59 5.18
N TYR C 36 -3.57 -2.59 5.39
CA TYR C 36 -3.54 -3.36 6.62
C TYR C 36 -3.74 -4.84 6.32
N GLN C 37 -3.20 -5.68 7.19
CA GLN C 37 -3.28 -7.14 7.09
C GLN C 37 -3.88 -7.66 8.39
N GLN C 38 -5.20 -7.81 8.43
CA GLN C 38 -5.90 -8.28 9.62
C GLN C 38 -6.12 -9.79 9.50
N LYS C 39 -5.27 -10.55 10.16
CA LYS C 39 -5.47 -12.00 10.18
C LYS C 39 -6.62 -12.36 11.12
N PRO C 40 -7.37 -13.41 10.79
CA PRO C 40 -8.54 -13.76 11.62
C PRO C 40 -8.15 -13.98 13.09
N GLY C 41 -8.97 -13.43 13.98
CA GLY C 41 -8.69 -13.52 15.39
C GLY C 41 -7.57 -12.64 15.87
N GLN C 42 -7.18 -11.63 15.09
CA GLN C 42 -6.09 -10.74 15.45
C GLN C 42 -6.44 -9.31 15.05
N ALA C 43 -5.70 -8.37 15.62
CA ALA C 43 -5.87 -6.96 15.29
C ALA C 43 -5.19 -6.65 13.96
N PRO C 44 -5.64 -5.60 13.26
CA PRO C 44 -4.99 -5.22 12.00
C PRO C 44 -3.54 -4.80 12.22
N ARG C 45 -2.72 -5.04 11.21
CA ARG C 45 -1.30 -4.70 11.25
C ARG C 45 -0.98 -3.81 10.05
N LEU C 46 -0.28 -2.70 10.32
CA LEU C 46 0.04 -1.75 9.27
C LEU C 46 1.07 -2.34 8.29
N LEU C 47 0.80 -2.19 7.00
CA LEU C 47 1.71 -2.64 5.96
C LEU C 47 2.34 -1.48 5.21
N ILE C 48 1.53 -0.64 4.56
CA ILE C 48 1.99 0.49 3.79
C ILE C 48 1.22 1.72 4.26
N TYR C 49 1.91 2.87 4.27
CA TYR C 49 1.26 4.14 4.56
C TYR C 49 1.61 5.15 3.49
N GLY C 50 0.78 6.19 3.39
CA GLY C 50 0.93 7.20 2.36
C GLY C 50 0.39 6.74 1.02
N ALA C 51 1.10 5.82 0.38
CA ALA C 51 0.69 5.23 -0.88
C ALA C 51 1.59 4.05 -1.22
N SER C 52 2.90 4.28 -1.14
CA SER C 52 3.89 3.26 -1.45
C SER C 52 4.85 2.97 -0.30
N THR C 53 5.00 3.90 0.65
CA THR C 53 5.95 3.73 1.74
C THR C 53 5.45 2.65 2.69
N ARG C 54 6.17 1.53 2.76
CA ARG C 54 5.76 0.42 3.61
C ARG C 54 6.17 0.68 5.05
N ALA C 55 5.49 -0.01 5.96
CA ALA C 55 5.75 0.15 7.38
C ALA C 55 7.10 -0.44 7.75
N THR C 56 7.48 -0.24 9.00
CA THR C 56 8.78 -0.71 9.48
C THR C 56 8.79 -2.23 9.60
N ASP C 57 9.92 -2.82 9.23
CA ASP C 57 10.18 -4.26 9.30
C ASP C 57 8.98 -5.09 8.84
N ILE C 58 8.51 -4.79 7.63
CA ILE C 58 7.52 -5.63 6.96
C ILE C 58 8.18 -6.18 5.69
N PRO C 59 7.77 -7.35 5.20
CA PRO C 59 8.45 -7.94 4.04
C PRO C 59 8.38 -7.05 2.82
N ALA C 60 9.41 -7.15 1.97
CA ALA C 60 9.49 -6.37 0.75
C ALA C 60 8.54 -6.88 -0.34
N ARG C 61 7.90 -8.03 -0.13
CA ARG C 61 6.97 -8.55 -1.11
C ARG C 61 5.65 -7.77 -1.13
N PHE C 62 5.38 -6.98 -0.09
CA PHE C 62 4.20 -6.13 -0.05
C PHE C 62 4.50 -4.82 -0.76
N SER C 63 3.86 -4.60 -1.90
CA SER C 63 4.08 -3.41 -2.72
C SER C 63 2.82 -2.56 -2.76
N GLY C 64 3.01 -1.25 -2.79
CA GLY C 64 1.89 -0.32 -2.83
C GLY C 64 2.08 0.72 -3.91
N SER C 65 0.96 1.13 -4.50
CA SER C 65 0.97 2.13 -5.55
C SER C 65 -0.42 2.71 -5.69
N GLY C 66 -0.53 3.77 -6.51
CA GLY C 66 -1.81 4.42 -6.73
C GLY C 66 -1.72 5.93 -6.65
N SER C 67 -2.76 6.62 -7.14
CA SER C 67 -2.76 8.07 -7.16
C SER C 67 -4.19 8.58 -7.27
N GLY C 68 -4.57 9.49 -6.37
CA GLY C 68 -5.83 10.19 -6.47
C GLY C 68 -7.08 9.37 -6.28
N THR C 69 -7.30 8.39 -7.15
CA THR C 69 -8.56 7.63 -7.14
C THR C 69 -8.30 6.13 -7.11
N GLU C 70 -7.52 5.64 -8.06
CA GLU C 70 -7.23 4.21 -8.18
C GLU C 70 -5.98 3.87 -7.40
N PHE C 71 -6.08 2.86 -6.53
CA PHE C 71 -4.95 2.40 -5.72
C PHE C 71 -4.87 0.88 -5.79
N THR C 72 -3.65 0.36 -5.77
CA THR C 72 -3.42 -1.08 -5.90
C THR C 72 -2.48 -1.56 -4.80
N LEU C 73 -2.59 -2.85 -4.49
CA LEU C 73 -1.74 -3.50 -3.51
C LEU C 73 -1.39 -4.89 -4.04
N SER C 74 -0.10 -5.12 -4.31
CA SER C 74 0.37 -6.37 -4.89
C SER C 74 1.27 -7.08 -3.89
N ILE C 75 1.01 -8.36 -3.67
CA ILE C 75 1.82 -9.20 -2.80
C ILE C 75 2.67 -10.08 -3.70
N SER C 76 3.98 -9.81 -3.74
CA SER C 76 4.89 -10.47 -4.67
C SER C 76 4.91 -11.98 -4.46
N SER C 77 5.70 -12.45 -3.49
CA SER C 77 5.77 -13.87 -3.18
C SER C 77 4.75 -14.18 -2.10
N LEU C 78 3.73 -14.95 -2.45
CA LEU C 78 2.64 -15.25 -1.52
C LEU C 78 2.99 -16.44 -0.65
N GLN C 79 2.58 -16.37 0.61
CA GLN C 79 2.79 -17.43 1.58
C GLN C 79 1.45 -17.93 2.10
N SER C 80 1.45 -19.16 2.62
CA SER C 80 0.22 -19.77 3.11
C SER C 80 -0.36 -19.03 4.31
N ASP C 81 0.45 -18.26 5.03
CA ASP C 81 -0.02 -17.52 6.19
C ASP C 81 -0.61 -16.15 5.82
N ASP C 82 -0.68 -15.82 4.54
CA ASP C 82 -1.23 -14.54 4.09
C ASP C 82 -2.73 -14.61 3.85
N PHE C 83 -3.45 -15.46 4.57
CA PHE C 83 -4.87 -15.69 4.31
C PHE C 83 -5.69 -14.63 5.01
N ALA C 84 -5.08 -13.49 5.28
CA ALA C 84 -5.72 -12.45 6.06
C ALA C 84 -6.65 -11.63 5.16
N VAL C 85 -7.35 -10.68 5.78
CA VAL C 85 -8.19 -9.71 5.08
C VAL C 85 -7.46 -8.37 5.06
N TYR C 86 -7.55 -7.66 3.93
CA TYR C 86 -6.80 -6.44 3.71
C TYR C 86 -7.75 -5.26 3.56
N TYR C 87 -7.37 -4.11 4.13
CA TYR C 87 -8.17 -2.91 4.13
C TYR C 87 -7.32 -1.71 3.73
N CYS C 88 -8.00 -0.63 3.37
CA CYS C 88 -7.34 0.62 2.99
C CYS C 88 -8.13 1.80 3.54
N GLN C 89 -7.41 2.78 4.11
CA GLN C 89 -7.99 3.99 4.65
C GLN C 89 -7.53 5.20 3.83
N GLN C 90 -8.01 6.39 4.22
CA GLN C 90 -7.82 7.56 3.38
C GLN C 90 -7.80 8.83 4.25
N TYR C 91 -7.26 9.89 3.67
CA TYR C 91 -7.42 11.25 4.19
C TYR C 91 -8.34 12.03 3.24
N ASN C 92 -9.07 13.02 3.76
CA ASN C 92 -9.14 13.33 5.17
C ASN C 92 -10.57 13.68 5.55
N HIS C 93 -11.08 14.76 4.96
CA HIS C 93 -12.43 15.25 5.26
C HIS C 93 -12.66 15.35 6.76
N TRP C 94 -11.58 15.63 7.49
CA TRP C 94 -11.44 15.48 8.95
C TRP C 94 -12.04 14.17 9.46
N LEU C 95 -12.35 13.24 8.56
CA LEU C 95 -13.06 12.00 8.90
C LEU C 95 -12.48 10.88 8.04
N ARG C 96 -11.57 10.11 8.62
CA ARG C 96 -10.99 8.99 7.89
C ARG C 96 -12.02 7.88 7.72
N THR C 97 -11.99 7.22 6.57
CA THR C 97 -12.86 6.10 6.28
C THR C 97 -12.02 4.89 5.90
N PHE C 98 -12.55 3.70 6.18
CA PHE C 98 -11.89 2.45 5.85
C PHE C 98 -12.52 1.84 4.60
N GLY C 99 -11.84 0.81 4.07
CA GLY C 99 -12.36 0.07 2.95
C GLY C 99 -13.28 -1.07 3.36
N GLN C 100 -13.89 -1.70 2.36
CA GLN C 100 -14.80 -2.81 2.63
C GLN C 100 -14.03 -4.05 3.08
N GLY C 101 -12.92 -4.35 2.42
CA GLY C 101 -12.11 -5.51 2.77
C GLY C 101 -11.98 -6.49 1.63
N THR C 102 -10.79 -7.08 1.48
CA THR C 102 -10.52 -8.04 0.43
C THR C 102 -9.97 -9.31 1.05
N LYS C 103 -10.72 -10.41 0.90
CA LYS C 103 -10.30 -11.69 1.44
C LYS C 103 -9.37 -12.39 0.45
N LEU C 104 -8.25 -12.91 0.95
CA LEU C 104 -7.24 -13.56 0.13
C LEU C 104 -7.25 -15.06 0.42
N GLU C 105 -7.31 -15.86 -0.64
CA GLU C 105 -7.27 -17.31 -0.54
C GLU C 105 -5.94 -17.84 -1.05
N ILE C 106 -5.64 -19.08 -0.65
CA ILE C 106 -4.43 -19.78 -1.06
C ILE C 106 -4.85 -20.97 -1.91
N ARG C 108 -5.27 -24.82 -3.91
CA ARG C 108 -4.83 -26.19 -3.81
C ARG C 108 -5.65 -26.98 -4.80
N THR C 109 -5.41 -28.26 -4.88
CA THR C 109 -6.17 -29.08 -5.81
C THR C 109 -7.65 -29.15 -5.45
N VAL C 110 -8.50 -29.16 -6.47
CA VAL C 110 -9.92 -29.29 -6.23
C VAL C 110 -10.16 -30.53 -5.38
N ALA C 111 -11.01 -30.42 -4.36
CA ALA C 111 -11.34 -31.53 -3.49
C ALA C 111 -12.83 -31.53 -3.22
N ALA C 112 -13.48 -32.64 -3.54
CA ALA C 112 -14.89 -32.83 -3.24
C ALA C 112 -15.11 -32.92 -1.73
N PRO C 113 -16.25 -32.42 -1.27
CA PRO C 113 -16.54 -32.60 0.16
C PRO C 113 -16.83 -34.05 0.49
N SER C 114 -16.45 -34.46 1.69
CA SER C 114 -17.04 -35.66 2.28
C SER C 114 -18.26 -35.20 3.04
N VAL C 115 -19.38 -35.87 2.81
CA VAL C 115 -20.68 -35.39 3.30
C VAL C 115 -21.24 -36.35 4.34
N PHE C 116 -21.66 -35.79 5.47
CA PHE C 116 -22.26 -36.53 6.57
C PHE C 116 -23.56 -35.87 7.00
N ILE C 117 -24.56 -36.69 7.31
CA ILE C 117 -25.81 -36.19 7.85
C ILE C 117 -26.06 -36.76 9.26
N PHE C 118 -26.53 -35.88 10.15
CA PHE C 118 -26.82 -36.23 11.53
C PHE C 118 -28.27 -35.95 11.88
N PRO C 119 -29.00 -37.00 12.29
CA PRO C 119 -30.34 -36.79 12.87
C PRO C 119 -30.28 -36.03 14.17
N PRO C 120 -31.40 -35.43 14.58
CA PRO C 120 -31.46 -34.85 15.93
C PRO C 120 -31.29 -35.91 16.99
N SER C 121 -30.71 -35.52 18.12
CA SER C 121 -30.57 -36.41 19.24
C SER C 121 -31.91 -36.55 19.92
N ASP C 122 -32.13 -37.67 20.59
CA ASP C 122 -33.33 -37.85 21.41
C ASP C 122 -33.40 -36.77 22.50
N GLU C 123 -32.25 -36.36 23.01
CA GLU C 123 -32.21 -35.32 24.03
C GLU C 123 -32.80 -34.03 23.50
N GLN C 124 -32.42 -33.66 22.28
CA GLN C 124 -32.93 -32.42 21.73
C GLN C 124 -34.42 -32.52 21.48
N LEU C 125 -34.87 -33.64 20.94
CA LEU C 125 -36.28 -33.82 20.63
C LEU C 125 -37.14 -33.68 21.88
N LYS C 126 -36.66 -34.13 23.04
CA LYS C 126 -37.44 -33.97 24.27
C LYS C 126 -37.63 -32.50 24.64
N SER C 127 -36.74 -31.62 24.18
CA SER C 127 -36.91 -30.18 24.45
C SER C 127 -37.84 -29.51 23.43
N GLY C 128 -38.29 -30.26 22.43
CA GLY C 128 -39.31 -29.76 21.53
C GLY C 128 -38.83 -29.27 20.19
N THR C 129 -37.54 -29.39 19.93
CA THR C 129 -37.03 -28.99 18.62
C THR C 129 -36.12 -30.06 18.02
N ALA C 130 -35.93 -29.98 16.71
CA ALA C 130 -35.15 -30.96 15.98
C ALA C 130 -34.17 -30.25 15.07
N SER C 131 -32.88 -30.43 15.31
CA SER C 131 -31.89 -29.91 14.39
C SER C 131 -31.29 -31.05 13.61
N VAL C 132 -31.40 -30.97 12.30
CA VAL C 132 -30.75 -31.94 11.44
C VAL C 132 -29.53 -31.25 10.86
N VAL C 133 -28.38 -31.90 10.97
CA VAL C 133 -27.12 -31.26 10.57
C VAL C 133 -26.47 -31.97 9.38
N CYS C 134 -26.05 -31.18 8.40
CA CYS C 134 -25.34 -31.70 7.25
C CYS C 134 -23.94 -31.10 7.29
N LEU C 135 -22.93 -31.97 7.24
CA LEU C 135 -21.54 -31.56 7.26
C LEU C 135 -20.89 -31.83 5.93
N LEU C 136 -20.25 -30.79 5.38
CA LEU C 136 -19.48 -30.91 4.15
C LEU C 136 -18.05 -30.71 4.56
N ASN C 137 -17.24 -31.76 4.51
CA ASN C 137 -15.93 -31.68 5.12
C ASN C 137 -14.81 -31.62 4.11
N ASN C 138 -13.87 -30.70 4.34
CA ASN C 138 -12.58 -30.64 3.67
C ASN C 138 -12.66 -30.56 2.15
N PHE C 139 -13.29 -29.50 1.67
CA PHE C 139 -13.47 -29.31 0.24
C PHE C 139 -12.74 -28.05 -0.26
N TYR C 140 -12.55 -27.96 -1.57
CA TYR C 140 -11.90 -26.83 -2.18
C TYR C 140 -12.32 -26.85 -3.65
N PRO C 141 -12.72 -25.69 -4.19
CA PRO C 141 -12.75 -24.37 -3.61
C PRO C 141 -13.95 -24.15 -2.69
N ARG C 142 -14.09 -22.92 -2.20
CA ARG C 142 -15.04 -22.61 -1.14
C ARG C 142 -16.51 -22.70 -1.55
N GLU C 143 -16.79 -22.47 -2.83
CA GLU C 143 -18.17 -22.44 -3.35
C GLU C 143 -18.82 -23.81 -3.27
N ALA C 144 -19.93 -23.89 -2.57
CA ALA C 144 -20.64 -25.14 -2.37
C ALA C 144 -22.08 -24.78 -2.09
N LYS C 145 -22.98 -25.66 -2.47
CA LYS C 145 -24.40 -25.42 -2.26
C LYS C 145 -25.02 -26.62 -1.54
N VAL C 146 -25.84 -26.36 -0.55
CA VAL C 146 -26.57 -27.40 0.15
C VAL C 146 -28.06 -27.16 -0.05
N GLN C 147 -28.79 -28.21 -0.35
CA GLN C 147 -30.24 -28.15 -0.38
C GLN C 147 -30.78 -29.22 0.55
N TRP C 148 -31.83 -28.88 1.29
CA TRP C 148 -32.45 -29.81 2.19
C TRP C 148 -33.78 -30.26 1.64
N LYS C 149 -34.03 -31.56 1.69
CA LYS C 149 -35.33 -32.09 1.34
C LYS C 149 -35.90 -32.94 2.47
N VAL C 150 -37.19 -32.80 2.71
CA VAL C 150 -37.91 -33.57 3.73
C VAL C 150 -39.04 -34.25 2.96
N ASP C 151 -39.02 -35.58 2.95
CA ASP C 151 -39.91 -36.37 2.09
C ASP C 151 -39.95 -35.78 0.68
N ASN C 152 -38.75 -35.49 0.17
CA ASN C 152 -38.51 -34.98 -1.21
C ASN C 152 -39.01 -33.57 -1.48
N ALA C 153 -39.45 -32.87 -0.44
CA ALA C 153 -39.88 -31.48 -0.59
C ALA C 153 -38.75 -30.54 -0.18
N LEU C 154 -38.34 -29.67 -1.11
CA LEU C 154 -37.29 -28.70 -0.83
C LEU C 154 -37.67 -27.76 0.31
N GLN C 155 -36.78 -27.64 1.28
CA GLN C 155 -36.98 -26.76 2.40
C GLN C 155 -36.45 -25.37 2.09
N SER C 156 -37.22 -24.37 2.49
CA SER C 156 -36.78 -23.00 2.35
C SER C 156 -37.05 -22.23 3.63
N GLY C 157 -36.04 -21.50 4.11
CA GLY C 157 -36.23 -20.55 5.19
C GLY C 157 -35.96 -21.08 6.58
N ASN C 158 -35.76 -22.40 6.67
CA ASN C 158 -35.58 -23.07 7.95
C ASN C 158 -34.22 -23.74 8.07
N SER C 159 -33.24 -23.26 7.31
CA SER C 159 -31.84 -23.68 7.53
C SER C 159 -30.90 -22.52 7.65
N GLN C 160 -29.77 -22.79 8.29
CA GLN C 160 -28.69 -21.83 8.40
C GLN C 160 -27.40 -22.57 8.20
N GLU C 161 -26.41 -21.88 7.64
CA GLU C 161 -25.13 -22.55 7.43
C GLU C 161 -23.98 -21.62 7.81
N SER C 162 -22.82 -22.23 8.07
CA SER C 162 -21.62 -21.44 8.21
C SER C 162 -20.45 -22.25 7.70
N VAL C 163 -19.37 -21.54 7.38
CA VAL C 163 -18.25 -22.10 6.70
C VAL C 163 -17.00 -21.71 7.50
N THR C 164 -16.08 -22.66 7.66
CA THR C 164 -14.84 -22.36 8.36
C THR C 164 -13.91 -21.49 7.50
N GLU C 165 -12.97 -20.84 8.18
CA GLU C 165 -11.84 -20.22 7.50
C GLU C 165 -11.09 -21.32 6.77
N GLN C 166 -10.33 -20.95 5.74
CA GLN C 166 -9.47 -21.91 5.09
C GLN C 166 -8.56 -22.58 6.10
N ASP C 167 -8.51 -23.91 6.08
CA ASP C 167 -7.75 -24.67 7.06
C ASP C 167 -6.26 -24.52 6.79
N SER C 168 -5.48 -24.13 7.80
CA SER C 168 -4.04 -23.97 7.54
C SER C 168 -3.38 -25.28 7.16
N LYS C 169 -3.89 -26.39 7.67
CA LYS C 169 -3.20 -27.68 7.54
C LYS C 169 -3.36 -28.29 6.15
N ASP C 170 -4.46 -28.02 5.49
CA ASP C 170 -4.66 -28.62 4.16
C ASP C 170 -5.34 -27.71 3.14
N SER C 171 -5.52 -26.45 3.51
CA SER C 171 -6.04 -25.43 2.61
C SER C 171 -7.47 -25.70 2.17
N THR C 172 -8.19 -26.52 2.92
CA THR C 172 -9.58 -26.80 2.60
C THR C 172 -10.56 -25.99 3.42
N TYR C 173 -11.82 -26.08 3.06
CA TYR C 173 -12.92 -25.45 3.81
C TYR C 173 -13.86 -26.54 4.25
N SER C 174 -14.65 -26.24 5.27
CA SER C 174 -15.73 -27.15 5.67
C SER C 174 -16.95 -26.30 5.93
N LEU C 175 -18.13 -26.92 5.89
CA LEU C 175 -19.39 -26.20 5.95
C LEU C 175 -20.34 -27.04 6.74
N SER C 176 -21.06 -26.40 7.64
CA SER C 176 -22.10 -27.03 8.45
C SER C 176 -23.42 -26.35 8.14
N SER C 177 -24.45 -27.16 7.82
CA SER C 177 -25.78 -26.61 7.62
C SER C 177 -26.73 -27.30 8.60
N THR C 178 -27.61 -26.49 9.18
CA THR C 178 -28.58 -27.01 10.15
C THR C 178 -29.98 -26.70 9.68
N LEU C 179 -30.77 -27.75 9.54
CA LEU C 179 -32.20 -27.64 9.27
C LEU C 179 -32.92 -27.75 10.60
N THR C 180 -33.75 -26.77 10.93
CA THR C 180 -34.41 -26.76 12.24
C THR C 180 -35.90 -26.93 12.04
N LEU C 181 -36.47 -27.94 12.68
CA LEU C 181 -37.89 -28.21 12.64
C LEU C 181 -38.41 -28.26 14.08
N SER C 182 -39.69 -28.04 14.28
CA SER C 182 -40.32 -28.36 15.57
C SER C 182 -40.29 -29.87 15.74
N LYS C 183 -40.40 -30.33 16.98
CA LYS C 183 -40.54 -31.76 17.22
C LYS C 183 -41.73 -32.34 16.45
N ALA C 184 -42.87 -31.67 16.53
CA ALA C 184 -44.07 -32.17 15.90
C ALA C 184 -43.86 -32.38 14.39
N ASP C 185 -43.24 -31.40 13.75
CA ASP C 185 -42.98 -31.49 12.31
C ASP C 185 -41.99 -32.59 11.98
N TYR C 186 -40.92 -32.67 12.75
CA TYR C 186 -39.92 -33.72 12.53
C TYR C 186 -40.55 -35.11 12.59
N GLU C 187 -41.46 -35.33 13.54
CA GLU C 187 -42.05 -36.64 13.71
C GLU C 187 -43.15 -36.91 12.70
N LYS C 188 -43.43 -35.95 11.84
CA LYS C 188 -44.51 -36.11 10.85
C LYS C 188 -43.95 -36.63 9.53
N HIS C 189 -42.63 -36.59 9.39
CA HIS C 189 -41.98 -36.94 8.12
C HIS C 189 -40.95 -38.04 8.30
N LYS C 190 -40.58 -38.69 7.19
CA LYS C 190 -39.72 -39.88 7.25
C LYS C 190 -38.31 -39.64 6.72
N VAL C 191 -38.20 -39.16 5.47
CA VAL C 191 -36.90 -39.03 4.78
C VAL C 191 -36.30 -37.63 4.88
N TYR C 192 -35.10 -37.55 5.45
CA TYR C 192 -34.39 -36.29 5.60
C TYR C 192 -33.15 -36.38 4.75
N ALA C 193 -32.97 -35.41 3.87
CA ALA C 193 -31.87 -35.48 2.95
C ALA C 193 -31.18 -34.13 2.76
N CYS C 194 -29.87 -34.20 2.67
CA CYS C 194 -29.01 -33.09 2.33
C CYS C 194 -28.45 -33.38 0.94
N GLU C 195 -28.60 -32.45 0.00
CA GLU C 195 -28.03 -32.58 -1.36
C GLU C 195 -26.95 -31.53 -1.56
N VAL C 196 -25.76 -31.98 -1.97
CA VAL C 196 -24.61 -31.13 -2.05
C VAL C 196 -24.09 -30.98 -3.45
N THR C 197 -23.89 -29.73 -3.86
CA THR C 197 -23.33 -29.44 -5.17
C THR C 197 -21.97 -28.81 -4.95
N HIS C 198 -20.98 -29.25 -5.72
CA HIS C 198 -19.63 -28.74 -5.60
C HIS C 198 -18.83 -29.15 -6.82
N GLN C 199 -17.90 -28.29 -7.21
CA GLN C 199 -17.10 -28.46 -8.42
C GLN C 199 -16.37 -29.80 -8.47
N GLY C 200 -15.97 -30.30 -7.31
CA GLY C 200 -15.27 -31.57 -7.21
C GLY C 200 -16.13 -32.81 -7.38
N LEU C 201 -17.45 -32.62 -7.44
CA LEU C 201 -18.39 -33.72 -7.60
C LEU C 201 -18.97 -33.67 -9.01
N SER C 202 -18.84 -34.76 -9.74
CA SER C 202 -19.38 -34.83 -11.10
C SER C 202 -20.90 -34.76 -11.13
N SER C 203 -21.55 -35.19 -10.05
CA SER C 203 -22.99 -35.03 -9.88
C SER C 203 -23.23 -34.65 -8.43
N PRO C 204 -24.31 -33.91 -8.14
CA PRO C 204 -24.62 -33.60 -6.74
C PRO C 204 -24.79 -34.87 -5.93
N VAL C 205 -24.37 -34.82 -4.66
CA VAL C 205 -24.40 -35.97 -3.77
C VAL C 205 -25.48 -35.75 -2.71
N THR C 206 -26.29 -36.79 -2.51
CA THR C 206 -27.30 -36.77 -1.47
C THR C 206 -26.95 -37.73 -0.33
N LYS C 207 -27.00 -37.23 0.90
CA LYS C 207 -26.94 -38.09 2.07
C LYS C 207 -28.29 -37.95 2.77
N SER C 208 -28.82 -39.06 3.24
CA SER C 208 -30.14 -39.04 3.83
C SER C 208 -30.27 -40.09 4.88
N PHE C 209 -31.30 -39.94 5.69
CA PHE C 209 -31.71 -40.99 6.61
C PHE C 209 -33.23 -41.04 6.69
N ASN C 210 -33.73 -42.17 7.14
CA ASN C 210 -35.13 -42.34 7.45
C ASN C 210 -35.33 -42.24 8.94
N ARG C 211 -36.22 -41.37 9.38
CA ARG C 211 -36.43 -41.19 10.80
C ARG C 211 -36.89 -42.51 11.37
N GLY C 212 -36.28 -42.93 12.47
CA GLY C 212 -36.66 -44.15 13.13
C GLY C 212 -36.07 -45.41 12.53
N GLU C 213 -35.05 -45.24 11.70
CA GLU C 213 -34.31 -46.37 11.13
C GLU C 213 -32.81 -46.21 11.32
N CYS C 214 -32.14 -47.32 11.64
CA CYS C 214 -30.67 -47.38 11.68
C CYS C 214 -30.23 -48.77 12.13
N GLU D 1 8.44 -2.16 22.53
CA GLU D 1 7.11 -2.55 22.97
C GLU D 1 6.21 -1.32 23.06
N VAL D 2 5.12 -1.34 22.29
CA VAL D 2 4.20 -0.20 22.23
C VAL D 2 2.77 -0.69 22.41
N GLN D 3 2.61 -1.86 23.01
CA GLN D 3 1.27 -2.45 23.14
C GLN D 3 0.42 -1.67 24.13
N LEU D 4 -0.87 -1.60 23.83
CA LEU D 4 -1.87 -1.05 24.73
C LEU D 4 -2.90 -2.13 25.03
N LEU D 5 -3.58 -2.00 26.17
CA LEU D 5 -4.53 -2.99 26.62
C LEU D 5 -5.89 -2.33 26.83
N GLU D 6 -6.93 -2.94 26.25
CA GLU D 6 -8.29 -2.44 26.37
C GLU D 6 -9.02 -3.20 27.47
N SER D 7 -9.59 -2.46 28.42
CA SER D 7 -10.35 -3.04 29.51
C SER D 7 -11.78 -2.51 29.47
N GLY D 8 -12.69 -3.25 30.09
CA GLY D 8 -14.08 -2.86 30.14
C GLY D 8 -14.95 -3.64 29.17
N GLY D 9 -15.98 -2.99 28.65
CA GLY D 9 -16.91 -3.64 27.73
C GLY D 9 -17.80 -4.63 28.46
N GLY D 10 -18.62 -5.32 27.66
CA GLY D 10 -19.53 -6.33 28.17
C GLY D 10 -20.90 -6.18 27.53
N LEU D 11 -21.91 -6.71 28.22
CA LEU D 11 -23.29 -6.67 27.75
C LEU D 11 -24.02 -5.50 28.38
N VAL D 12 -24.72 -4.71 27.56
CA VAL D 12 -25.46 -3.56 28.05
C VAL D 12 -26.79 -3.47 27.31
N GLN D 13 -27.80 -2.95 28.01
CA GLN D 13 -29.09 -2.75 27.39
C GLN D 13 -29.04 -1.51 26.49
N PRO D 14 -29.72 -1.53 25.34
CA PRO D 14 -29.73 -0.34 24.48
C PRO D 14 -30.25 0.89 25.23
N GLY D 15 -29.56 2.01 25.04
CA GLY D 15 -29.86 3.25 25.71
C GLY D 15 -28.96 3.56 26.89
N GLU D 16 -28.15 2.59 27.33
CA GLU D 16 -27.29 2.79 28.47
C GLU D 16 -25.94 3.38 28.04
N SER D 17 -25.10 3.67 29.02
CA SER D 17 -23.76 4.17 28.76
C SER D 17 -22.72 3.14 29.17
N LEU D 18 -21.54 3.26 28.57
CA LEU D 18 -20.40 2.42 28.91
C LEU D 18 -19.09 3.04 28.40
N ARG D 19 -18.09 3.17 29.26
CA ARG D 19 -16.80 3.70 28.84
C ARG D 19 -15.75 2.59 28.83
N VAL D 20 -14.88 2.62 27.83
CA VAL D 20 -13.84 1.61 27.64
C VAL D 20 -12.49 2.28 27.84
N SER D 21 -11.63 1.63 28.61
CA SER D 21 -10.30 2.15 28.90
C SER D 21 -9.28 1.56 27.94
N CYS D 22 -8.14 2.26 27.81
CA CYS D 22 -7.06 1.82 26.93
C CYS D 22 -5.75 2.22 27.60
N ALA D 23 -5.12 1.28 28.30
CA ALA D 23 -3.87 1.54 29.00
C ALA D 23 -2.75 1.66 27.97
N ALA D 24 -2.33 2.88 27.68
CA ALA D 24 -1.27 3.13 26.71
C ALA D 24 0.07 2.90 27.39
N SER D 25 0.68 1.75 27.12
CA SER D 25 1.96 1.39 27.71
C SER D 25 3.04 1.31 26.64
N GLY D 26 4.27 1.60 27.04
CA GLY D 26 5.41 1.39 26.16
C GLY D 26 6.02 2.63 25.56
N PHE D 27 6.42 2.53 24.29
CA PHE D 27 7.16 3.60 23.64
C PHE D 27 6.37 4.91 23.60
N THR D 28 5.04 4.83 23.57
CA THR D 28 4.20 6.01 23.45
C THR D 28 4.39 6.96 24.62
N PHE D 29 5.02 8.12 24.36
CA PHE D 29 5.13 9.16 25.36
C PHE D 29 3.80 9.86 25.64
N ARG D 30 2.79 9.59 24.80
CA ARG D 30 1.45 10.18 24.93
C ARG D 30 1.49 11.69 24.71
N ASP D 31 2.38 12.14 23.84
CA ASP D 31 2.21 13.39 23.13
C ASP D 31 1.78 13.13 21.69
N SER D 32 1.51 11.88 21.34
CA SER D 32 1.03 11.47 20.04
C SER D 32 -0.45 11.12 20.12
N ALA D 33 -1.09 11.07 18.96
CA ALA D 33 -2.53 10.87 18.92
C ALA D 33 -2.89 9.40 19.14
N LEU D 34 -4.14 9.18 19.53
CA LEU D 34 -4.70 7.84 19.69
C LEU D 34 -6.11 7.83 19.11
N SER D 35 -6.59 6.63 18.76
CA SER D 35 -7.88 6.50 18.10
C SER D 35 -8.58 5.24 18.58
N TRP D 36 -9.90 5.22 18.35
CA TRP D 36 -10.74 4.05 18.60
C TRP D 36 -11.33 3.58 17.28
N VAL D 37 -11.35 2.26 17.08
CA VAL D 37 -11.91 1.65 15.87
C VAL D 37 -12.71 0.43 16.28
N ARG D 38 -13.97 0.36 15.86
CA ARG D 38 -14.86 -0.74 16.22
C ARG D 38 -15.11 -1.63 15.01
N GLN D 39 -15.35 -2.91 15.29
CA GLN D 39 -15.66 -3.89 14.26
C GLN D 39 -16.60 -4.94 14.82
N ALA D 40 -17.73 -5.14 14.16
CA ALA D 40 -18.61 -6.20 14.58
C ALA D 40 -18.28 -7.49 13.84
N PRO D 41 -18.26 -8.63 14.53
CA PRO D 41 -18.05 -9.91 13.85
C PRO D 41 -19.08 -10.12 12.76
N GLY D 42 -18.60 -10.28 11.53
CA GLY D 42 -19.45 -10.28 10.36
C GLY D 42 -19.44 -8.99 9.58
N LYS D 43 -18.74 -7.97 10.06
CA LYS D 43 -18.59 -6.70 9.38
C LYS D 43 -17.12 -6.29 9.39
N GLY D 44 -16.81 -5.29 8.57
CA GLY D 44 -15.45 -4.81 8.44
C GLY D 44 -15.10 -3.76 9.48
N LEU D 45 -13.93 -3.15 9.30
CA LEU D 45 -13.46 -2.13 10.21
C LEU D 45 -14.19 -0.81 9.97
N GLU D 46 -14.21 0.03 11.01
CA GLU D 46 -14.83 1.35 10.92
C GLU D 46 -14.18 2.25 11.96
N TRP D 47 -13.59 3.35 11.50
CA TRP D 47 -12.97 4.31 12.40
C TRP D 47 -14.05 5.01 13.22
N VAL D 48 -13.79 5.14 14.52
CA VAL D 48 -14.78 5.72 15.44
C VAL D 48 -14.42 7.17 15.76
N SER D 49 -13.21 7.39 16.26
CA SER D 49 -12.86 8.70 16.80
C SER D 49 -11.34 8.79 16.95
N ALA D 50 -10.89 9.92 17.49
CA ALA D 50 -9.47 10.18 17.68
C ALA D 50 -9.30 11.23 18.77
N ILE D 51 -8.10 11.26 19.35
CA ILE D 51 -7.72 12.19 20.41
C ILE D 51 -6.35 12.76 20.09
N SER D 52 -6.09 13.97 20.55
CA SER D 52 -4.82 14.63 20.27
C SER D 52 -4.45 15.55 21.42
N GLY D 53 -3.19 15.46 21.86
CA GLY D 53 -2.66 16.36 22.87
C GLY D 53 -3.53 16.48 24.09
N ASN D 54 -4.28 17.58 24.17
CA ASN D 54 -5.25 17.78 25.24
C ASN D 54 -6.63 17.72 24.61
N GLY D 55 -7.31 18.84 24.44
CA GLY D 55 -8.66 18.86 23.90
C GLY D 55 -8.75 19.22 22.43
N GLY D 56 -7.80 18.75 21.62
CA GLY D 56 -7.82 19.00 20.20
C GLY D 56 -8.70 18.09 19.38
N ALA D 57 -9.41 17.15 20.02
CA ALA D 57 -10.24 16.18 19.31
C ALA D 57 -11.27 15.56 20.27
N THR D 58 -12.59 15.74 20.12
CA THR D 58 -13.37 16.56 19.15
C THR D 58 -13.45 15.97 17.73
N TYR D 59 -12.85 14.80 17.50
CA TYR D 59 -12.97 14.10 16.22
C TYR D 59 -13.78 12.84 16.40
N TYR D 60 -15.04 12.85 15.95
CA TYR D 60 -15.94 11.71 16.06
C TYR D 60 -16.57 11.41 14.71
N ALA D 61 -16.85 10.13 14.47
CA ALA D 61 -17.52 9.74 13.24
C ALA D 61 -18.99 10.13 13.26
N ASP D 62 -19.58 10.24 12.07
CA ASP D 62 -20.97 10.66 11.95
C ASP D 62 -21.94 9.66 12.61
N THR D 63 -21.53 8.40 12.73
CA THR D 63 -22.41 7.41 13.38
C THR D 63 -22.57 7.72 14.86
N VAL D 64 -21.51 8.20 15.51
CA VAL D 64 -21.51 8.47 16.94
C VAL D 64 -21.29 9.95 17.25
N LYS D 65 -21.61 10.82 16.29
CA LYS D 65 -21.33 12.25 16.44
C LYS D 65 -21.95 12.85 17.69
N GLY D 66 -23.15 12.40 18.07
CA GLY D 66 -23.81 12.89 19.25
C GLY D 66 -23.88 11.95 20.41
N ARG D 67 -23.18 10.81 20.38
CA ARG D 67 -23.28 9.80 21.42
C ARG D 67 -21.94 9.55 22.12
N PHE D 68 -20.87 9.35 21.36
CA PHE D 68 -19.59 8.98 21.95
C PHE D 68 -18.77 10.23 22.27
N THR D 69 -18.02 10.17 23.36
CA THR D 69 -17.12 11.24 23.78
C THR D 69 -15.81 10.64 24.25
N ILE D 70 -14.70 11.24 23.82
CA ILE D 70 -13.37 10.67 23.98
C ILE D 70 -12.62 11.46 25.05
N SER D 71 -12.12 10.75 26.05
CA SER D 71 -11.36 11.34 27.15
C SER D 71 -9.91 10.88 27.08
N ARG D 72 -9.03 11.69 27.66
CA ARG D 72 -7.62 11.36 27.73
C ARG D 72 -7.10 11.77 29.10
N ASP D 73 -6.40 10.83 29.76
CA ASP D 73 -5.83 11.06 31.09
C ASP D 73 -4.34 10.75 31.00
N ASN D 74 -3.54 11.76 30.64
CA ASN D 74 -2.11 11.57 30.48
C ASN D 74 -1.40 11.32 31.80
N SER D 75 -1.97 11.76 32.92
CA SER D 75 -1.32 11.53 34.21
C SER D 75 -1.25 10.03 34.55
N GLN D 76 -2.31 9.29 34.23
CA GLN D 76 -2.32 7.84 34.43
C GLN D 76 -2.13 7.08 33.12
N THR D 77 -1.92 7.79 32.01
CA THR D 77 -1.61 7.18 30.71
C THR D 77 -2.68 6.18 30.29
N THR D 78 -3.92 6.67 30.19
CA THR D 78 -5.04 5.83 29.81
C THR D 78 -5.99 6.62 28.92
N LEU D 79 -6.43 6.00 27.83
CA LEU D 79 -7.37 6.60 26.89
C LEU D 79 -8.76 6.02 27.13
N TYR D 80 -9.77 6.88 27.11
CA TYR D 80 -11.14 6.50 27.41
C TYR D 80 -12.06 6.78 26.24
N LEU D 81 -13.29 6.27 26.33
CA LEU D 81 -14.30 6.47 25.30
C LEU D 81 -15.66 6.20 25.96
N GLN D 82 -16.37 7.27 26.32
CA GLN D 82 -17.67 7.16 26.96
C GLN D 82 -18.73 6.98 25.89
N MET D 83 -19.31 5.79 25.80
CA MET D 83 -20.28 5.45 24.76
C MET D 83 -21.68 5.55 25.36
N ASN D 84 -22.33 6.69 25.16
CA ASN D 84 -23.66 6.94 25.70
C ASN D 84 -24.73 6.72 24.63
N SER D 85 -25.96 6.47 25.09
CA SER D 85 -27.11 6.25 24.21
C SER D 85 -26.82 5.14 23.20
N LEU D 86 -26.32 4.02 23.71
CA LEU D 86 -25.93 2.91 22.85
C LEU D 86 -27.15 2.29 22.16
N ARG D 87 -27.02 2.03 20.86
CA ARG D 87 -28.05 1.38 20.07
C ARG D 87 -27.62 -0.04 19.73
N ALA D 88 -28.49 -0.75 19.01
CA ALA D 88 -28.24 -2.16 18.71
C ALA D 88 -27.01 -2.33 17.83
N ASP D 89 -26.85 -1.50 16.81
CA ASP D 89 -25.74 -1.63 15.89
C ASP D 89 -24.38 -1.26 16.49
N ASP D 90 -24.35 -0.79 17.74
CA ASP D 90 -23.09 -0.46 18.39
C ASP D 90 -22.35 -1.69 18.89
N THR D 91 -22.92 -2.89 18.75
CA THR D 91 -22.24 -4.12 19.15
C THR D 91 -21.04 -4.36 18.24
N ALA D 92 -19.84 -4.30 18.79
CA ALA D 92 -18.63 -4.44 17.99
C ALA D 92 -17.46 -4.72 18.92
N THR D 93 -16.33 -5.12 18.32
CA THR D 93 -15.08 -5.31 19.04
C THR D 93 -14.28 -4.02 18.93
N TYR D 94 -14.38 -3.17 19.96
CA TYR D 94 -13.76 -1.85 19.91
C TYR D 94 -12.25 -1.97 20.08
N TYR D 95 -11.50 -1.55 19.06
CA TYR D 95 -10.05 -1.59 19.08
C TYR D 95 -9.49 -0.21 19.39
N CYS D 96 -8.51 -0.16 20.29
CA CYS D 96 -7.75 1.05 20.56
C CYS D 96 -6.47 0.98 19.73
N ALA D 97 -6.25 1.98 18.89
CA ALA D 97 -5.18 1.95 17.91
C ALA D 97 -4.26 3.15 18.07
N LYS D 98 -2.96 2.90 17.96
CA LYS D 98 -1.98 3.98 17.88
C LYS D 98 -2.20 4.80 16.62
N ASP D 99 -1.64 6.00 16.62
CA ASP D 99 -1.75 6.91 15.48
C ASP D 99 -0.39 7.51 15.18
N GLU D 100 0.04 7.39 13.93
CA GLU D 100 1.31 7.96 13.48
C GLU D 100 1.07 8.82 12.25
N SER D 101 1.89 9.85 12.10
CA SER D 101 1.80 10.77 10.98
C SER D 101 3.17 10.94 10.34
N PRO D 102 3.22 11.30 9.06
CA PRO D 102 4.50 11.63 8.42
C PRO D 102 5.19 12.75 9.16
N PRO D 103 6.52 12.70 9.28
CA PRO D 103 7.22 13.71 10.08
C PRO D 103 7.13 15.11 9.53
N ILE D 104 6.72 15.29 8.27
CA ILE D 104 6.57 16.64 7.72
C ILE D 104 5.40 17.34 8.39
N TYR D 105 4.35 16.61 8.75
CA TYR D 105 3.22 17.20 9.46
C TYR D 105 3.55 17.24 10.96
N ASN D 106 2.54 17.49 11.77
CA ASN D 106 2.68 17.58 13.22
C ASN D 106 3.78 18.57 13.61
N LEU D 107 3.46 19.84 13.38
CA LEU D 107 4.41 20.92 13.66
C LEU D 107 4.69 21.01 15.16
N MET D 108 3.68 21.36 15.94
CA MET D 108 3.82 21.31 17.40
C MET D 108 3.61 19.87 17.87
N PRO D 109 4.48 19.35 18.73
CA PRO D 109 4.42 17.92 19.07
C PRO D 109 3.09 17.49 19.68
N GLY D 110 2.40 18.36 20.39
CA GLY D 110 1.19 17.97 21.07
C GLY D 110 -0.05 17.93 20.21
N TYR D 111 -0.22 18.92 19.34
CA TYR D 111 -1.47 19.10 18.63
C TYR D 111 -1.67 18.02 17.57
N TYR D 112 -2.80 18.10 16.88
CA TYR D 112 -3.24 17.07 15.94
C TYR D 112 -2.67 17.33 14.55
N SER D 113 -2.10 16.28 13.95
CA SER D 113 -1.75 16.28 12.54
C SER D 113 -2.88 15.60 11.78
N THR D 114 -3.55 16.35 10.90
CA THR D 114 -4.81 15.88 10.34
C THR D 114 -4.64 14.72 9.35
N TYR D 115 -3.48 14.04 9.39
CA TYR D 115 -3.23 12.88 8.53
C TYR D 115 -2.54 11.81 9.37
N TYR D 116 -3.32 10.86 9.88
CA TYR D 116 -2.82 9.79 10.71
C TYR D 116 -3.10 8.43 10.09
N TYR D 117 -2.18 7.49 10.33
CA TYR D 117 -2.34 6.09 10.00
C TYR D 117 -2.01 5.28 11.24
N MET D 118 -2.84 4.27 11.54
CA MET D 118 -2.69 3.47 12.74
C MET D 118 -1.70 2.34 12.50
N ASP D 119 -0.71 2.22 13.38
CA ASP D 119 0.38 1.27 13.24
C ASP D 119 0.32 0.12 14.24
N VAL D 120 0.13 0.43 15.52
CA VAL D 120 0.08 -0.58 16.57
C VAL D 120 -1.35 -0.70 17.06
N TRP D 121 -1.95 -1.87 16.84
CA TRP D 121 -3.31 -2.15 17.25
C TRP D 121 -3.32 -2.88 18.59
N GLY D 122 -4.46 -2.80 19.28
CA GLY D 122 -4.62 -3.42 20.57
C GLY D 122 -5.32 -4.76 20.49
N LYS D 123 -5.46 -5.40 21.66
CA LYS D 123 -6.11 -6.70 21.72
C LYS D 123 -7.61 -6.60 21.47
N GLY D 124 -8.22 -5.48 21.83
CA GLY D 124 -9.64 -5.27 21.58
C GLY D 124 -10.54 -5.76 22.70
N THR D 125 -11.62 -5.02 22.94
CA THR D 125 -12.63 -5.39 23.92
C THR D 125 -13.98 -5.49 23.23
N THR D 126 -14.68 -6.61 23.44
CA THR D 126 -15.96 -6.86 22.81
C THR D 126 -17.07 -6.25 23.64
N VAL D 127 -17.94 -5.46 22.99
CA VAL D 127 -19.08 -4.83 23.63
C VAL D 127 -20.33 -5.28 22.89
N THR D 128 -21.27 -5.89 23.62
CA THR D 128 -22.51 -6.38 23.06
C THR D 128 -23.67 -5.55 23.60
N VAL D 129 -24.49 -5.02 22.71
CA VAL D 129 -25.64 -4.20 23.07
C VAL D 129 -26.88 -4.94 22.59
N SER D 130 -27.59 -5.57 23.52
CA SER D 130 -28.81 -6.31 23.20
C SER D 130 -29.65 -6.41 24.47
N SER D 131 -30.67 -7.27 24.43
CA SER D 131 -31.56 -7.46 25.57
C SER D 131 -31.28 -8.79 26.26
N SER D 133 -30.57 -11.44 26.80
CA SER D 133 -30.02 -11.95 28.04
C SER D 133 -29.02 -13.07 27.72
N THR D 134 -28.02 -13.21 28.58
CA THR D 134 -27.06 -14.28 28.50
C THR D 134 -27.74 -15.63 28.68
N LYS D 135 -27.31 -16.62 27.91
CA LYS D 135 -27.87 -17.96 27.95
C LYS D 135 -26.81 -19.00 27.59
N GLY D 136 -26.71 -20.04 28.42
CA GLY D 136 -25.78 -21.14 28.16
C GLY D 136 -26.29 -22.10 27.10
N PRO D 137 -25.35 -22.84 26.48
CA PRO D 137 -25.74 -23.72 25.36
C PRO D 137 -26.32 -25.07 25.80
N SER D 138 -27.09 -25.66 24.89
CA SER D 138 -27.42 -27.08 24.92
C SER D 138 -26.42 -27.78 24.02
N VAL D 139 -25.98 -28.96 24.43
CA VAL D 139 -24.97 -29.66 23.66
C VAL D 139 -25.53 -31.00 23.23
N PHE D 140 -25.56 -31.24 21.92
CA PHE D 140 -26.13 -32.45 21.39
C PHE D 140 -25.10 -33.25 20.61
N PRO D 141 -25.20 -34.57 20.65
CA PRO D 141 -24.20 -35.35 19.94
C PRO D 141 -24.48 -35.40 18.44
N LEU D 142 -23.40 -35.41 17.66
CA LEU D 142 -23.44 -35.75 16.24
C LEU D 142 -22.80 -37.13 16.14
N ALA D 143 -23.64 -38.16 16.15
CA ALA D 143 -23.16 -39.51 16.38
C ALA D 143 -22.64 -40.13 15.11
N PRO D 144 -21.51 -40.86 15.21
CA PRO D 144 -20.95 -41.56 14.04
C PRO D 144 -21.85 -42.73 13.69
N SER D 145 -22.06 -42.94 12.40
CA SER D 145 -22.92 -44.03 11.98
C SER D 145 -22.24 -44.88 10.92
N GLY D 152 -13.02 -46.81 6.70
CA GLY D 152 -11.88 -46.74 7.59
C GLY D 152 -11.94 -45.54 8.50
N THR D 153 -12.57 -44.46 8.04
CA THR D 153 -12.64 -43.20 8.78
C THR D 153 -14.08 -42.78 9.08
N ALA D 154 -14.32 -42.42 10.34
CA ALA D 154 -15.64 -41.96 10.77
C ALA D 154 -15.59 -40.52 11.27
N ALA D 155 -16.70 -39.82 11.14
CA ALA D 155 -16.81 -38.47 11.69
C ALA D 155 -17.81 -38.47 12.82
N LEU D 156 -17.49 -37.72 13.87
CA LEU D 156 -18.44 -37.54 14.97
C LEU D 156 -18.28 -36.12 15.45
N GLY D 157 -19.19 -35.63 16.29
CA GLY D 157 -19.12 -34.25 16.69
C GLY D 157 -20.13 -33.89 17.77
N CYS D 158 -20.22 -32.60 18.04
CA CYS D 158 -21.14 -32.06 19.03
C CYS D 158 -21.72 -30.80 18.39
N LEU D 159 -23.02 -30.62 18.57
CA LEU D 159 -23.68 -29.39 18.19
C LEU D 159 -23.92 -28.59 19.47
N VAL D 160 -23.41 -27.37 19.49
CA VAL D 160 -23.54 -26.48 20.61
C VAL D 160 -24.52 -25.40 20.24
N LYS D 161 -25.72 -25.49 20.79
CA LYS D 161 -26.82 -24.72 20.26
C LYS D 161 -27.47 -23.81 21.29
N ASP D 162 -27.95 -22.67 20.79
CA ASP D 162 -28.80 -21.78 21.53
C ASP D 162 -28.12 -21.13 22.71
N TYR D 163 -26.98 -20.51 22.46
CA TYR D 163 -26.29 -19.76 23.48
C TYR D 163 -26.08 -18.31 23.08
N PHE D 164 -25.76 -17.50 24.08
CA PHE D 164 -25.54 -16.09 23.86
C PHE D 164 -24.86 -15.50 25.07
N PRO D 165 -23.89 -14.62 24.86
CA PRO D 165 -23.23 -14.19 23.62
C PRO D 165 -22.10 -15.14 23.27
N GLU D 166 -21.42 -14.87 22.18
CA GLU D 166 -20.14 -15.50 21.94
C GLU D 166 -19.16 -15.10 23.02
N PRO D 167 -18.10 -15.91 23.22
CA PRO D 167 -17.81 -17.13 22.48
C PRO D 167 -18.04 -18.38 23.33
N VAL D 168 -17.93 -19.54 22.70
CA VAL D 168 -17.81 -20.80 23.42
C VAL D 168 -16.49 -21.42 23.03
N THR D 169 -15.96 -22.29 23.90
CA THR D 169 -14.78 -23.08 23.56
C THR D 169 -15.17 -24.53 23.53
N VAL D 170 -14.61 -25.26 22.58
CA VAL D 170 -14.84 -26.69 22.52
C VAL D 170 -13.49 -27.41 22.49
N SER D 171 -13.35 -28.42 23.32
CA SER D 171 -12.21 -29.32 23.21
C SER D 171 -12.74 -30.75 23.16
N TRP D 172 -11.87 -31.69 22.81
CA TRP D 172 -12.22 -33.10 22.81
C TRP D 172 -11.33 -33.91 23.74
N ASN D 173 -11.96 -34.77 24.54
CA ASN D 173 -11.25 -35.63 25.49
C ASN D 173 -10.29 -34.82 26.35
N SER D 174 -10.82 -33.70 26.85
CA SER D 174 -10.09 -32.77 27.70
C SER D 174 -8.82 -32.27 27.04
N GLY D 175 -8.86 -32.12 25.71
CA GLY D 175 -7.70 -31.62 24.98
C GLY D 175 -6.68 -32.68 24.58
N ALA D 176 -6.99 -33.95 24.85
CA ALA D 176 -6.11 -35.05 24.44
C ALA D 176 -6.32 -35.43 22.97
N LEU D 177 -7.43 -34.98 22.39
CA LEU D 177 -7.73 -35.26 21.00
C LEU D 177 -7.70 -33.95 20.22
N THR D 178 -6.74 -33.85 19.31
CA THR D 178 -6.51 -32.63 18.53
C THR D 178 -6.56 -32.92 17.04
N SER D 179 -5.92 -34.02 16.63
CA SER D 179 -5.84 -34.37 15.23
C SER D 179 -7.23 -34.52 14.68
N GLY D 180 -7.51 -33.81 13.60
CA GLY D 180 -8.74 -34.05 12.86
C GLY D 180 -9.92 -33.28 13.40
N VAL D 181 -9.69 -32.45 14.41
CA VAL D 181 -10.77 -31.65 14.97
C VAL D 181 -10.98 -30.38 14.15
N HIS D 182 -12.24 -30.10 13.86
CA HIS D 182 -12.66 -28.83 13.28
C HIS D 182 -13.78 -28.26 14.09
N THR D 183 -13.57 -27.07 14.65
CA THR D 183 -14.63 -26.35 15.30
C THR D 183 -14.98 -25.16 14.43
N PHE D 184 -16.24 -25.12 14.01
CA PHE D 184 -16.67 -24.15 13.03
C PHE D 184 -17.06 -22.81 13.64
N PRO D 185 -17.02 -21.75 12.82
CA PRO D 185 -17.59 -20.48 13.30
C PRO D 185 -19.07 -20.65 13.63
N ALA D 186 -19.52 -19.98 14.68
CA ALA D 186 -20.90 -20.03 15.07
C ALA D 186 -21.72 -19.30 14.04
N VAL D 187 -22.99 -19.66 13.96
CA VAL D 187 -23.93 -18.89 13.17
C VAL D 187 -24.96 -18.32 14.13
N LEU D 188 -25.54 -17.19 13.74
CA LEU D 188 -26.53 -16.51 14.54
C LEU D 188 -27.90 -16.88 13.99
N GLN D 189 -28.73 -17.46 14.84
CA GLN D 189 -30.08 -17.81 14.45
C GLN D 189 -31.07 -16.64 14.60
N SER D 190 -32.25 -16.79 14.01
CA SER D 190 -33.27 -15.74 14.02
C SER D 190 -33.80 -15.40 15.43
N SER D 191 -33.57 -16.31 16.35
CA SER D 191 -33.91 -16.11 17.76
C SER D 191 -32.93 -15.17 18.41
N GLY D 192 -31.79 -14.98 17.75
CA GLY D 192 -30.74 -14.15 18.26
C GLY D 192 -29.71 -14.94 19.07
N LEU D 193 -29.86 -16.27 19.09
CA LEU D 193 -28.90 -17.16 19.75
C LEU D 193 -27.94 -17.80 18.75
N TYR D 194 -26.75 -18.16 19.21
CA TYR D 194 -25.73 -18.78 18.35
C TYR D 194 -25.79 -20.29 18.36
N SER D 195 -25.28 -20.90 17.29
CA SER D 195 -25.18 -22.34 17.17
C SER D 195 -23.88 -22.66 16.45
N LEU D 196 -23.11 -23.62 16.95
CA LEU D 196 -21.91 -24.04 16.27
C LEU D 196 -21.72 -25.53 16.38
N SER D 197 -20.91 -26.08 15.48
CA SER D 197 -20.62 -27.48 15.53
C SER D 197 -19.11 -27.69 15.65
N SER D 198 -18.73 -28.76 16.32
CA SER D 198 -17.34 -29.16 16.37
C SER D 198 -17.32 -30.62 15.98
N VAL D 199 -16.39 -31.00 15.11
CA VAL D 199 -16.37 -32.36 14.63
C VAL D 199 -14.98 -32.92 14.70
N VAL D 200 -14.89 -34.23 14.66
CA VAL D 200 -13.59 -34.86 14.61
C VAL D 200 -13.71 -36.09 13.74
N THR D 201 -12.67 -36.38 12.98
CA THR D 201 -12.65 -37.62 12.20
C THR D 201 -11.71 -38.57 12.90
N VAL D 202 -12.10 -39.83 13.01
CA VAL D 202 -11.33 -40.79 13.74
C VAL D 202 -11.40 -42.11 13.02
N PRO D 203 -10.50 -43.05 13.36
CA PRO D 203 -10.57 -44.35 12.70
C PRO D 203 -11.88 -45.06 13.07
N SER D 204 -12.58 -45.62 12.09
CA SER D 204 -13.79 -46.38 12.37
C SER D 204 -13.56 -47.44 13.44
N SER D 205 -12.36 -48.01 13.44
CA SER D 205 -12.03 -49.09 14.35
C SER D 205 -11.94 -48.64 15.81
N SER D 206 -11.90 -47.33 16.06
CA SER D 206 -11.73 -46.83 17.41
C SER D 206 -13.08 -46.72 18.13
N LEU D 207 -14.16 -46.82 17.36
CA LEU D 207 -15.50 -46.67 17.91
C LEU D 207 -15.89 -48.01 18.52
N GLY D 208 -15.86 -48.11 19.84
CA GLY D 208 -16.09 -49.39 20.50
C GLY D 208 -15.05 -49.57 21.59
N THR D 209 -13.85 -49.09 21.33
CA THR D 209 -12.78 -49.11 22.33
C THR D 209 -12.60 -47.75 22.97
N GLN D 210 -12.74 -46.70 22.17
CA GLN D 210 -12.32 -45.37 22.58
C GLN D 210 -13.53 -44.45 22.84
N THR D 211 -13.52 -43.80 24.00
CA THR D 211 -14.57 -42.85 24.33
C THR D 211 -14.23 -41.44 23.80
N TYR D 212 -15.21 -40.82 23.20
CA TYR D 212 -15.07 -39.44 22.72
C TYR D 212 -16.04 -38.55 23.47
N ILE D 213 -15.50 -37.50 24.07
CA ILE D 213 -16.31 -36.57 24.83
C ILE D 213 -15.96 -35.17 24.37
N CYS D 214 -16.96 -34.36 24.05
CA CYS D 214 -16.69 -32.98 23.75
C CYS D 214 -16.91 -32.15 25.02
N ASN D 215 -15.97 -31.25 25.27
CA ASN D 215 -16.00 -30.41 26.47
C ASN D 215 -16.29 -29.00 26.04
N VAL D 216 -17.42 -28.45 26.47
CA VAL D 216 -17.88 -27.16 25.98
C VAL D 216 -17.86 -26.18 27.14
N ASN D 217 -17.27 -25.01 26.93
CA ASN D 217 -17.21 -23.98 27.97
C ASN D 217 -17.79 -22.69 27.43
N HIS D 218 -18.78 -22.16 28.14
CA HIS D 218 -19.37 -20.87 27.81
C HIS D 218 -19.21 -19.98 29.04
N LYS D 219 -18.10 -19.27 29.07
CA LYS D 219 -17.71 -18.51 30.24
C LYS D 219 -18.70 -17.37 30.56
N PRO D 220 -19.33 -16.79 29.53
CA PRO D 220 -20.28 -15.73 29.86
C PRO D 220 -21.41 -16.18 30.77
N SER D 221 -21.81 -17.46 30.70
CA SER D 221 -22.85 -17.95 31.59
C SER D 221 -22.27 -18.93 32.61
N ASN D 222 -20.95 -18.98 32.70
CA ASN D 222 -20.24 -19.95 33.53
C ASN D 222 -20.87 -21.31 33.45
N THR D 223 -21.08 -21.77 32.23
CA THR D 223 -21.68 -23.06 32.00
C THR D 223 -20.62 -23.97 31.40
N LYS D 224 -20.66 -25.24 31.78
CA LYS D 224 -19.61 -26.16 31.43
C LYS D 224 -20.25 -27.52 31.20
N VAL D 225 -20.10 -28.04 29.99
CA VAL D 225 -20.76 -29.30 29.65
C VAL D 225 -19.77 -30.28 29.07
N ASP D 226 -19.75 -31.50 29.59
CA ASP D 226 -19.10 -32.59 28.88
C ASP D 226 -20.18 -33.50 28.28
N LYS D 227 -20.04 -33.81 27.01
CA LYS D 227 -21.02 -34.63 26.32
C LYS D 227 -20.34 -35.81 25.64
N ARG D 228 -20.62 -37.01 26.12
CA ARG D 228 -20.07 -38.20 25.48
C ARG D 228 -20.86 -38.50 24.21
N VAL D 229 -20.12 -38.73 23.14
CA VAL D 229 -20.68 -38.98 21.82
C VAL D 229 -20.49 -40.45 21.46
N GLU D 230 -21.60 -41.18 21.40
CA GLU D 230 -21.56 -42.63 21.19
C GLU D 230 -22.16 -43.00 19.84
N PRO D 231 -21.61 -44.03 19.18
CA PRO D 231 -22.31 -44.59 18.02
C PRO D 231 -23.69 -45.09 18.45
N LYS D 232 -24.71 -44.99 17.61
CA LYS D 232 -26.07 -45.36 18.01
C LYS D 232 -26.72 -46.38 17.06
#